data_4MR0
#
_entry.id   4MR0
#
_cell.length_a   60.590
_cell.length_b   126.080
_cell.length_c   63.480
_cell.angle_alpha   90.00
_cell.angle_beta   99.60
_cell.angle_gamma   90.00
#
_symmetry.space_group_name_H-M   'P 1 21 1'
#
loop_
_entity.id
_entity.type
_entity.pdbx_description
1 polymer 'Plasmin and fibronectin-binding protein A'
2 non-polymer BETA-MERCAPTOETHANOL
3 non-polymer 'CALCIUM ION'
4 non-polymer 'CHLORIDE ION'
5 non-polymer 'MANGANESE (II) ION'
6 water water
#
_entity_poly.entity_id   1
_entity_poly.type   'polypeptide(L)'
_entity_poly.pdbx_seq_one_letter_code
;MRGSHHHHHHGSEVVTSSSPMATKESSNAITNDLDNSPTVNQNRSAEMIASNSTTNGLDNSLSVNSISSNGTIRSNSQLD
NRTVESTVTSTNENKSYKEDVISDRIIKKEFEDTALSVKDYGAVGDGIHDDRQAIQDAIDAAAQGLGGGNVYFPEGTYLV
KEIVFLKSHTHLELNEKATILNGINIKNHPSIVFMTGLFTDDGAQVEWGPTEDISYSGGTIDMNGALNEEGTKAKNLPLI
NSSGAFAIGNSNNVTIKNVTFKDSYQGHAIQIAGSKNVLVDNSRFLGQALPKTMKDGQIISKESIQIEPLTRKGFPYALN
DDGKKSENVTIQNSYFGKSDKSGELVTAIGTHYQTLSTQNPSNIKILNNHFDNMMYAGVRFTGFTDVLIKGNRFDKKVKG
ESVHYRESGAALVNAYSYKNTKDLLDLNKQVVIAENIFNIADPKTKAIRVAKDSAEYLGKVSDITVTKNVINNNSKETEQ
PNIELLRVSDNLVVSENSIFGGKEGIVIEDSKGKITVLNNQFYNLSGKYISFIKSNANGKEPVIRDSDGNFNIVTENGLY
KIVTNNLSDKNEKEKNKEEKQSNSNNVIDSNQKNGEFNSSKDNRQMNDKIDNKQDNKTEEVNYKIVGDGRETENHINKSK
EIVDVKQK
;
_entity_poly.pdbx_strand_id   A,B
#
# COMPACT_ATOMS: atom_id res chain seq x y z
N THR A 114 19.37 20.60 -24.77
CA THR A 114 19.80 21.03 -23.41
C THR A 114 20.03 19.87 -22.48
N ALA A 115 19.66 18.65 -22.90
CA ALA A 115 19.91 17.47 -22.07
C ALA A 115 21.42 17.38 -21.82
N LEU A 116 21.80 17.08 -20.58
CA LEU A 116 23.21 16.98 -20.25
C LEU A 116 23.74 15.65 -20.73
N SER A 117 24.92 15.64 -21.34
CA SER A 117 25.52 14.40 -21.81
C SER A 117 26.43 13.90 -20.69
N VAL A 118 26.42 12.60 -20.44
CA VAL A 118 27.29 12.05 -19.40
C VAL A 118 28.75 12.26 -19.77
N LYS A 119 29.00 12.54 -21.05
CA LYS A 119 30.38 12.78 -21.53
C LYS A 119 30.86 14.13 -20.99
N ASP A 120 29.91 15.02 -20.73
CA ASP A 120 30.22 16.34 -20.21
C ASP A 120 30.92 16.26 -18.87
N TYR A 121 30.78 15.12 -18.20
CA TYR A 121 31.39 14.94 -16.89
C TYR A 121 32.52 13.94 -16.82
N GLY A 122 33.07 13.58 -17.99
CA GLY A 122 34.19 12.65 -17.99
C GLY A 122 33.90 11.21 -18.38
N ALA A 123 32.65 10.89 -18.68
CA ALA A 123 32.33 9.53 -19.08
C ALA A 123 33.09 9.27 -20.38
N VAL A 124 33.78 8.13 -20.46
CA VAL A 124 34.54 7.79 -21.66
C VAL A 124 33.73 6.91 -22.60
N GLY A 125 32.94 5.99 -22.03
CA GLY A 125 32.11 5.11 -22.83
C GLY A 125 32.86 4.06 -23.62
N ASP A 126 34.00 3.60 -23.09
CA ASP A 126 34.79 2.59 -23.79
C ASP A 126 34.69 1.21 -23.14
N GLY A 127 33.94 1.13 -22.05
CA GLY A 127 33.79 -0.15 -21.37
C GLY A 127 35.00 -0.57 -20.56
N ILE A 128 35.95 0.35 -20.38
CA ILE A 128 37.17 0.08 -19.62
C ILE A 128 37.28 1.08 -18.48
N HIS A 129 37.12 2.36 -18.80
CA HIS A 129 37.18 3.41 -17.79
C HIS A 129 35.92 3.32 -16.94
N ASP A 130 36.05 3.53 -15.63
CA ASP A 130 34.89 3.48 -14.75
C ASP A 130 34.13 4.79 -14.90
N ASP A 131 32.98 4.74 -15.58
CA ASP A 131 32.18 5.94 -15.81
C ASP A 131 31.14 6.26 -14.74
N ARG A 132 31.12 5.51 -13.65
CA ARG A 132 30.14 5.74 -12.60
C ARG A 132 30.11 7.18 -12.08
N GLN A 133 31.24 7.69 -11.62
CA GLN A 133 31.26 9.05 -11.08
C GLN A 133 30.77 10.09 -12.07
N ALA A 134 31.13 9.94 -13.34
CA ALA A 134 30.71 10.88 -14.37
C ALA A 134 29.19 10.83 -14.52
N ILE A 135 28.65 9.61 -14.56
CA ILE A 135 27.22 9.40 -14.68
C ILE A 135 26.50 9.98 -13.46
N GLN A 136 27.02 9.72 -12.27
CA GLN A 136 26.40 10.24 -11.05
C GLN A 136 26.40 11.76 -11.03
N ASP A 137 27.50 12.37 -11.46
CA ASP A 137 27.60 13.83 -11.49
C ASP A 137 26.58 14.41 -12.45
N ALA A 138 26.34 13.71 -13.56
CA ALA A 138 25.37 14.16 -14.55
C ALA A 138 23.99 14.14 -13.91
N ILE A 139 23.67 13.03 -13.25
CA ILE A 139 22.38 12.89 -12.61
C ILE A 139 22.19 13.93 -11.51
N ASP A 140 23.22 14.11 -10.68
CA ASP A 140 23.15 15.08 -9.60
C ASP A 140 22.88 16.49 -10.11
N ALA A 141 23.52 16.87 -11.21
CA ALA A 141 23.31 18.20 -11.78
C ALA A 141 21.89 18.31 -12.33
N ALA A 142 21.42 17.25 -12.97
CA ALA A 142 20.08 17.24 -13.53
C ALA A 142 19.03 17.37 -12.43
N ALA A 143 19.28 16.70 -11.31
CA ALA A 143 18.38 16.74 -10.16
C ALA A 143 18.22 18.16 -9.62
N GLN A 144 19.24 18.98 -9.84
CA GLN A 144 19.20 20.37 -9.38
C GLN A 144 18.42 21.24 -10.34
N GLY A 145 18.11 20.70 -11.52
CA GLY A 145 17.35 21.45 -12.50
C GLY A 145 18.05 21.61 -13.83
N LEU A 146 19.38 21.42 -13.84
CA LEU A 146 20.14 21.57 -15.07
C LEU A 146 19.63 20.70 -16.22
N GLY A 147 19.57 21.29 -17.40
CA GLY A 147 19.11 20.57 -18.58
C GLY A 147 17.71 20.02 -18.43
N GLY A 148 16.89 20.68 -17.62
CA GLY A 148 15.52 20.24 -17.42
C GLY A 148 15.43 18.87 -16.75
N GLY A 149 16.53 18.45 -16.14
CA GLY A 149 16.56 17.17 -15.47
C GLY A 149 16.87 16.05 -16.45
N ASN A 150 17.16 16.43 -17.70
CA ASN A 150 17.45 15.45 -18.75
C ASN A 150 18.94 15.12 -18.88
N VAL A 151 19.22 13.82 -18.89
CA VAL A 151 20.58 13.29 -19.03
C VAL A 151 20.62 12.39 -20.26
N TYR A 152 21.64 12.55 -21.09
CA TYR A 152 21.75 11.74 -22.31
C TYR A 152 23.00 10.87 -22.36
N PHE A 153 22.87 9.70 -22.97
CA PHE A 153 23.97 8.76 -23.12
C PHE A 153 24.24 8.49 -24.60
N PRO A 154 25.37 9.00 -25.12
CA PRO A 154 25.72 8.79 -26.53
C PRO A 154 26.12 7.32 -26.75
N GLU A 155 26.27 6.92 -28.00
CA GLU A 155 26.67 5.55 -28.31
C GLU A 155 27.92 5.21 -27.51
N GLY A 156 28.01 3.97 -27.05
CA GLY A 156 29.18 3.56 -26.28
C GLY A 156 28.86 2.53 -25.22
N THR A 157 29.88 2.15 -24.46
CA THR A 157 29.70 1.17 -23.39
C THR A 157 30.19 1.83 -22.12
N TYR A 158 29.27 2.02 -21.17
CA TYR A 158 29.59 2.69 -19.92
C TYR A 158 29.74 1.74 -18.75
N LEU A 159 30.98 1.44 -18.39
CA LEU A 159 31.27 0.55 -17.29
C LEU A 159 31.07 1.27 -15.95
N VAL A 160 30.45 0.60 -14.98
CA VAL A 160 30.28 1.17 -13.65
C VAL A 160 30.77 0.15 -12.63
N LYS A 161 31.60 0.62 -11.70
CA LYS A 161 32.15 -0.28 -10.70
C LYS A 161 31.45 -0.18 -9.34
N GLU A 162 30.43 0.66 -9.28
CA GLU A 162 29.62 0.83 -8.08
C GLU A 162 28.23 1.26 -8.52
N ILE A 163 27.30 1.26 -7.57
CA ILE A 163 25.90 1.61 -7.80
C ILE A 163 25.68 3.07 -8.15
N VAL A 164 24.80 3.30 -9.12
CA VAL A 164 24.42 4.63 -9.56
C VAL A 164 23.07 4.92 -8.88
N PHE A 165 22.91 6.14 -8.37
CA PHE A 165 21.68 6.49 -7.68
C PHE A 165 20.82 7.47 -8.45
N LEU A 166 19.62 7.03 -8.82
CA LEU A 166 18.68 7.87 -9.54
C LEU A 166 18.15 8.88 -8.54
N LYS A 167 17.79 10.07 -9.03
CA LYS A 167 17.26 11.10 -8.14
C LYS A 167 15.95 11.59 -8.68
N SER A 168 15.17 12.24 -7.82
CA SER A 168 13.88 12.78 -8.23
C SER A 168 14.00 13.79 -9.36
N HIS A 169 13.02 13.75 -10.26
CA HIS A 169 12.95 14.66 -11.40
C HIS A 169 14.11 14.56 -12.38
N THR A 170 14.65 13.36 -12.57
CA THR A 170 15.72 13.16 -13.52
C THR A 170 15.19 12.22 -14.60
N HIS A 171 15.61 12.45 -15.85
CA HIS A 171 15.15 11.64 -16.96
C HIS A 171 16.30 11.26 -17.87
N LEU A 172 16.66 9.98 -17.83
CA LEU A 172 17.77 9.46 -18.62
C LEU A 172 17.30 8.88 -19.94
N GLU A 173 18.01 9.24 -21.00
CA GLU A 173 17.72 8.76 -22.35
C GLU A 173 19.03 8.22 -22.90
N LEU A 174 19.03 6.97 -23.34
CA LEU A 174 20.24 6.37 -23.88
C LEU A 174 20.09 6.06 -25.34
N ASN A 175 21.17 6.28 -26.09
CA ASN A 175 21.21 5.99 -27.50
C ASN A 175 20.95 4.50 -27.68
N GLU A 176 20.42 4.13 -28.84
CA GLU A 176 20.14 2.74 -29.12
C GLU A 176 21.40 1.89 -28.97
N LYS A 177 22.55 2.48 -29.30
CA LYS A 177 23.80 1.75 -29.20
C LYS A 177 24.58 2.08 -27.92
N ALA A 178 23.87 2.59 -26.93
CA ALA A 178 24.48 2.91 -25.64
C ALA A 178 24.22 1.71 -24.74
N THR A 179 25.27 1.19 -24.12
CA THR A 179 25.16 0.04 -23.24
C THR A 179 25.78 0.34 -21.87
N ILE A 180 25.02 0.09 -20.81
CA ILE A 180 25.54 0.30 -19.47
C ILE A 180 26.07 -1.06 -19.03
N LEU A 181 27.37 -1.14 -18.76
CA LEU A 181 27.99 -2.40 -18.37
C LEU A 181 28.17 -2.55 -16.86
N ASN A 182 27.56 -3.58 -16.30
CA ASN A 182 27.68 -3.81 -14.87
C ASN A 182 29.04 -4.36 -14.45
N GLY A 183 29.82 -3.52 -13.77
CA GLY A 183 31.13 -3.93 -13.31
C GLY A 183 31.21 -3.98 -11.79
N ILE A 184 30.04 -4.02 -11.14
CA ILE A 184 29.97 -4.07 -9.69
C ILE A 184 30.29 -5.49 -9.21
N ASN A 185 31.52 -5.69 -8.73
CA ASN A 185 31.97 -6.99 -8.27
C ASN A 185 32.52 -6.85 -6.85
N ILE A 186 31.60 -6.73 -5.90
CA ILE A 186 31.94 -6.54 -4.49
C ILE A 186 31.39 -7.67 -3.61
N LYS A 187 32.26 -8.18 -2.75
CA LYS A 187 31.90 -9.27 -1.83
C LYS A 187 30.84 -8.86 -0.81
N ASN A 188 29.88 -9.73 -0.53
CA ASN A 188 28.83 -9.45 0.45
C ASN A 188 28.16 -8.12 0.12
N HIS A 189 27.96 -7.87 -1.16
CA HIS A 189 27.40 -6.59 -1.62
C HIS A 189 26.54 -6.81 -2.87
N PRO A 190 25.44 -6.04 -2.99
CA PRO A 190 24.59 -6.23 -4.17
C PRO A 190 25.29 -5.80 -5.46
N SER A 191 24.86 -6.37 -6.58
CA SER A 191 25.42 -6.04 -7.88
C SER A 191 24.24 -5.60 -8.74
N ILE A 192 23.64 -4.49 -8.35
CA ILE A 192 22.49 -3.90 -9.04
C ILE A 192 22.95 -2.52 -9.50
N VAL A 193 22.81 -2.25 -10.79
CA VAL A 193 23.27 -0.99 -11.38
C VAL A 193 22.65 0.32 -10.91
N PHE A 194 21.32 0.39 -10.84
CA PHE A 194 20.61 1.59 -10.44
C PHE A 194 19.72 1.40 -9.22
N MET A 195 19.74 2.39 -8.31
CA MET A 195 18.91 2.38 -7.10
C MET A 195 18.32 3.78 -6.90
N THR A 196 17.16 3.85 -6.23
CA THR A 196 16.51 5.13 -5.97
C THR A 196 16.75 5.61 -4.54
N GLY A 197 17.73 5.00 -3.90
CA GLY A 197 18.08 5.37 -2.54
C GLY A 197 19.54 5.00 -2.32
N LEU A 198 20.17 5.59 -1.31
CA LEU A 198 21.57 5.32 -1.04
C LEU A 198 21.87 3.95 -0.44
N PHE A 199 23.05 3.44 -0.81
CA PHE A 199 23.53 2.17 -0.28
C PHE A 199 25.05 2.25 -0.28
N THR A 200 25.68 1.81 0.80
CA THR A 200 27.13 1.83 0.93
C THR A 200 27.61 0.40 1.14
N ASP A 201 27.43 -0.11 2.36
CA ASP A 201 27.83 -1.47 2.67
C ASP A 201 26.79 -2.10 3.57
N ASP A 202 26.76 -3.43 3.62
CA ASP A 202 25.79 -4.12 4.47
C ASP A 202 26.10 -3.77 5.92
N GLY A 203 25.07 -3.47 6.69
CA GLY A 203 25.25 -3.11 8.08
C GLY A 203 25.20 -1.60 8.24
N ALA A 204 25.26 -0.89 7.12
CA ALA A 204 25.22 0.57 7.12
C ALA A 204 24.02 1.10 6.33
N GLN A 205 23.01 0.25 6.11
CA GLN A 205 21.84 0.68 5.36
C GLN A 205 21.19 1.88 6.02
N VAL A 206 20.51 2.70 5.22
CA VAL A 206 19.82 3.88 5.73
C VAL A 206 18.38 3.82 5.24
N GLU A 207 17.53 4.63 5.86
CA GLU A 207 16.13 4.71 5.47
C GLU A 207 16.06 5.44 4.14
N TRP A 208 15.27 4.93 3.19
CA TRP A 208 15.12 5.59 1.89
C TRP A 208 13.93 6.54 1.95
N GLY A 209 14.15 7.82 1.70
CA GLY A 209 13.05 8.76 1.70
C GLY A 209 12.31 8.63 0.38
N PRO A 210 11.14 9.26 0.23
CA PRO A 210 10.39 9.17 -1.02
C PRO A 210 11.06 9.90 -2.18
N THR A 211 10.96 9.33 -3.37
CA THR A 211 11.53 9.92 -4.58
C THR A 211 10.41 9.87 -5.61
N GLU A 212 10.54 10.63 -6.69
CA GLU A 212 9.48 10.63 -7.68
C GLU A 212 9.88 11.27 -9.00
N ASP A 213 9.07 11.01 -10.01
CA ASP A 213 9.26 11.57 -11.34
C ASP A 213 10.63 11.22 -11.90
N ILE A 214 10.85 9.92 -12.11
CA ILE A 214 12.10 9.43 -12.65
C ILE A 214 11.79 8.61 -13.90
N SER A 215 12.55 8.85 -14.97
CA SER A 215 12.32 8.09 -16.19
C SER A 215 13.67 7.62 -16.75
N TYR A 216 13.64 6.45 -17.39
CA TYR A 216 14.82 5.84 -17.98
C TYR A 216 14.38 5.23 -19.30
N SER A 217 15.00 5.62 -20.41
CA SER A 217 14.60 5.11 -21.70
C SER A 217 15.74 4.83 -22.66
N GLY A 218 15.64 3.73 -23.39
CA GLY A 218 16.64 3.39 -24.39
C GLY A 218 17.88 2.61 -23.97
N GLY A 219 18.60 2.14 -24.99
CA GLY A 219 19.83 1.40 -24.76
C GLY A 219 19.71 0.00 -24.22
N THR A 220 20.83 -0.47 -23.69
CA THR A 220 20.95 -1.80 -23.13
C THR A 220 21.60 -1.70 -21.77
N ILE A 221 21.26 -2.62 -20.88
CA ILE A 221 21.89 -2.70 -19.57
C ILE A 221 22.39 -4.13 -19.53
N ASP A 222 23.71 -4.30 -19.60
CA ASP A 222 24.31 -5.62 -19.54
C ASP A 222 24.55 -5.92 -18.08
N MET A 223 23.70 -6.76 -17.50
CA MET A 223 23.85 -7.07 -16.09
C MET A 223 25.10 -7.94 -15.86
N ASN A 224 25.73 -8.31 -16.98
CA ASN A 224 27.01 -9.04 -17.00
C ASN A 224 27.08 -10.31 -16.16
N GLY A 225 26.01 -11.10 -16.16
CA GLY A 225 26.00 -12.31 -15.35
C GLY A 225 26.35 -13.65 -15.96
N ALA A 226 26.78 -13.68 -17.22
CA ALA A 226 27.14 -14.95 -17.87
C ALA A 226 28.09 -15.76 -16.99
N LEU A 227 27.92 -17.08 -17.00
CA LEU A 227 28.74 -17.98 -16.18
C LEU A 227 30.13 -18.26 -16.71
N ASN A 228 31.01 -18.70 -15.80
CA ASN A 228 32.37 -19.07 -16.16
C ASN A 228 32.25 -20.45 -16.81
N GLU A 229 33.34 -20.93 -17.40
CA GLU A 229 33.29 -22.23 -18.08
C GLU A 229 32.84 -23.38 -17.17
N GLU A 230 33.11 -23.28 -15.87
CA GLU A 230 32.69 -24.32 -14.94
C GLU A 230 31.21 -24.18 -14.59
N GLY A 231 30.63 -23.02 -14.92
CA GLY A 231 29.23 -22.79 -14.64
C GLY A 231 28.94 -22.74 -13.14
N THR A 232 29.87 -22.17 -12.38
CA THR A 232 29.72 -22.06 -10.94
C THR A 232 29.65 -20.61 -10.46
N LYS A 233 30.08 -19.68 -11.31
CA LYS A 233 30.08 -18.27 -10.96
C LYS A 233 29.91 -17.39 -12.19
N ALA A 234 29.62 -16.11 -11.95
CA ALA A 234 29.49 -15.15 -13.04
C ALA A 234 30.92 -14.96 -13.51
N LYS A 235 31.15 -15.22 -14.79
CA LYS A 235 32.47 -15.09 -15.39
C LYS A 235 33.20 -13.77 -15.15
N ASN A 236 32.53 -12.65 -15.38
CA ASN A 236 33.17 -11.34 -15.21
C ASN A 236 32.97 -10.67 -13.86
N LEU A 237 32.18 -11.26 -12.98
CA LEU A 237 31.92 -10.71 -11.65
C LEU A 237 31.94 -11.90 -10.69
N PRO A 238 33.13 -12.49 -10.51
CA PRO A 238 33.35 -13.66 -9.65
C PRO A 238 32.98 -13.55 -8.17
N LEU A 239 32.83 -12.33 -7.66
CA LEU A 239 32.50 -12.15 -6.24
C LEU A 239 31.02 -11.93 -5.89
N ILE A 240 30.16 -11.74 -6.89
CA ILE A 240 28.74 -11.49 -6.60
C ILE A 240 27.91 -12.76 -6.39
N ASN A 241 26.75 -12.57 -5.78
CA ASN A 241 25.80 -13.67 -5.54
C ASN A 241 24.60 -13.54 -6.46
N SER A 242 24.43 -12.36 -7.06
CA SER A 242 23.34 -12.10 -8.00
C SER A 242 23.54 -10.71 -8.62
N SER A 243 23.00 -10.48 -9.82
CA SER A 243 23.11 -9.19 -10.44
C SER A 243 21.74 -8.76 -10.96
N GLY A 244 21.51 -7.45 -11.00
CA GLY A 244 20.25 -6.91 -11.47
C GLY A 244 20.48 -5.52 -12.05
N ALA A 245 19.42 -4.87 -12.50
CA ALA A 245 19.55 -3.54 -13.09
C ALA A 245 18.97 -2.41 -12.26
N PHE A 246 17.77 -2.62 -11.73
CA PHE A 246 17.08 -1.59 -10.95
C PHE A 246 16.54 -2.05 -9.60
N ALA A 247 16.72 -1.20 -8.59
CA ALA A 247 16.18 -1.44 -7.26
C ALA A 247 15.38 -0.17 -6.99
N ILE A 248 14.08 -0.24 -7.25
CA ILE A 248 13.18 0.89 -7.09
C ILE A 248 12.41 0.74 -5.78
N GLY A 249 12.73 1.60 -4.81
CA GLY A 249 12.04 1.52 -3.53
C GLY A 249 11.52 2.84 -3.03
N ASN A 250 10.32 2.82 -2.47
CA ASN A 250 9.68 4.01 -1.94
C ASN A 250 9.65 5.11 -2.99
N SER A 251 9.44 4.72 -4.24
CA SER A 251 9.42 5.69 -5.33
C SER A 251 8.01 5.94 -5.88
N ASN A 252 7.89 7.00 -6.68
CA ASN A 252 6.61 7.39 -7.27
C ASN A 252 6.80 7.86 -8.71
N ASN A 253 5.89 7.46 -9.60
CA ASN A 253 5.96 7.87 -10.99
C ASN A 253 7.31 7.57 -11.62
N VAL A 254 7.59 6.28 -11.78
CA VAL A 254 8.84 5.84 -12.38
C VAL A 254 8.51 5.19 -13.69
N THR A 255 9.22 5.56 -14.75
CA THR A 255 8.97 5.01 -16.08
C THR A 255 10.25 4.42 -16.68
N ILE A 256 10.20 3.14 -17.03
CA ILE A 256 11.33 2.47 -17.66
C ILE A 256 10.80 1.95 -18.99
N LYS A 257 11.41 2.37 -20.10
CA LYS A 257 10.93 1.92 -21.38
C LYS A 257 11.99 1.75 -22.46
N ASN A 258 11.71 0.84 -23.37
CA ASN A 258 12.58 0.52 -24.49
C ASN A 258 14.01 0.25 -24.05
N VAL A 259 14.14 -0.65 -23.08
CA VAL A 259 15.45 -1.03 -22.58
C VAL A 259 15.66 -2.53 -22.78
N THR A 260 16.87 -2.91 -23.17
CA THR A 260 17.19 -4.32 -23.36
C THR A 260 18.02 -4.74 -22.16
N PHE A 261 17.48 -5.64 -21.33
CA PHE A 261 18.18 -6.13 -20.15
C PHE A 261 18.81 -7.48 -20.44
N LYS A 262 20.12 -7.59 -20.25
CA LYS A 262 20.81 -8.84 -20.55
C LYS A 262 21.55 -9.52 -19.42
N ASP A 263 21.46 -10.85 -19.45
CA ASP A 263 22.18 -11.73 -18.54
C ASP A 263 22.27 -11.43 -17.05
N SER A 264 21.14 -11.58 -16.38
CA SER A 264 21.08 -11.38 -14.94
C SER A 264 21.75 -12.60 -14.31
N TYR A 265 22.58 -12.40 -13.29
CA TYR A 265 23.20 -13.54 -12.61
C TYR A 265 22.24 -13.94 -11.50
N GLN A 266 21.47 -15.00 -11.76
CA GLN A 266 20.48 -15.52 -10.82
C GLN A 266 19.86 -14.41 -9.97
N GLY A 267 19.35 -13.38 -10.62
CA GLY A 267 18.77 -12.28 -9.87
C GLY A 267 17.56 -11.62 -10.50
N HIS A 268 17.18 -10.49 -9.91
CA HIS A 268 16.03 -9.71 -10.36
C HIS A 268 16.53 -8.57 -11.23
N ALA A 269 16.07 -8.50 -12.47
CA ALA A 269 16.47 -7.41 -13.34
C ALA A 269 15.92 -6.13 -12.74
N ILE A 270 14.71 -6.23 -12.19
CA ILE A 270 14.05 -5.09 -11.58
C ILE A 270 13.29 -5.48 -10.33
N GLN A 271 13.42 -4.67 -9.28
CA GLN A 271 12.67 -4.89 -8.04
C GLN A 271 11.92 -3.58 -7.79
N ILE A 272 10.61 -3.70 -7.63
CA ILE A 272 9.74 -2.55 -7.39
C ILE A 272 9.13 -2.83 -6.03
N ALA A 273 9.58 -2.08 -5.03
CA ALA A 273 9.13 -2.27 -3.65
C ALA A 273 8.59 -0.99 -3.03
N GLY A 274 7.38 -1.07 -2.49
CA GLY A 274 6.77 0.09 -1.88
C GLY A 274 6.75 1.28 -2.82
N SER A 275 6.60 1.01 -4.11
CA SER A 275 6.59 2.08 -5.10
C SER A 275 5.24 2.19 -5.82
N LYS A 276 4.85 3.43 -6.14
CA LYS A 276 3.57 3.68 -6.78
C LYS A 276 3.69 4.29 -8.19
N ASN A 277 2.81 3.87 -9.09
CA ASN A 277 2.81 4.38 -10.45
C ASN A 277 4.11 4.07 -11.17
N VAL A 278 4.42 2.78 -11.30
CA VAL A 278 5.64 2.36 -11.99
C VAL A 278 5.24 1.67 -13.28
N LEU A 279 5.88 2.07 -14.36
CA LEU A 279 5.62 1.49 -15.67
C LEU A 279 6.91 0.95 -16.29
N VAL A 280 6.84 -0.28 -16.77
CA VAL A 280 7.95 -0.90 -17.48
C VAL A 280 7.28 -1.13 -18.83
N ASP A 281 7.81 -0.53 -19.89
CA ASP A 281 7.17 -0.64 -21.20
C ASP A 281 8.13 -0.88 -22.36
N ASN A 282 7.67 -1.67 -23.32
CA ASN A 282 8.42 -1.96 -24.55
C ASN A 282 9.88 -2.34 -24.36
N SER A 283 10.14 -3.18 -23.37
CA SER A 283 11.49 -3.62 -23.06
C SER A 283 11.68 -5.10 -23.33
N ARG A 284 12.94 -5.54 -23.27
CA ARG A 284 13.30 -6.92 -23.51
C ARG A 284 14.18 -7.43 -22.37
N PHE A 285 13.79 -8.58 -21.82
CA PHE A 285 14.54 -9.19 -20.73
C PHE A 285 15.12 -10.48 -21.28
N LEU A 286 16.41 -10.40 -21.64
CA LEU A 286 17.09 -11.52 -22.25
C LEU A 286 18.15 -12.25 -21.41
N GLY A 287 17.80 -13.46 -21.00
CA GLY A 287 18.75 -14.29 -20.27
C GLY A 287 18.97 -14.11 -18.78
N GLN A 288 19.01 -15.25 -18.10
CA GLN A 288 19.25 -15.31 -16.68
C GLN A 288 20.19 -16.48 -16.46
N ALA A 289 21.37 -16.19 -15.91
CA ALA A 289 22.36 -17.22 -15.67
C ALA A 289 22.08 -17.95 -14.37
N LEU A 290 22.11 -19.29 -14.44
CA LEU A 290 21.85 -20.14 -13.27
C LEU A 290 23.03 -21.09 -13.07
N PRO A 291 23.82 -20.87 -12.01
CA PRO A 291 24.99 -21.71 -11.69
C PRO A 291 24.67 -23.14 -11.22
N LYS A 292 25.62 -24.04 -11.46
CA LYS A 292 25.51 -25.46 -11.08
C LYS A 292 24.95 -25.66 -9.68
N THR A 293 25.61 -25.03 -8.72
CA THR A 293 25.29 -25.12 -7.30
C THR A 293 23.91 -24.74 -6.76
N MET A 294 23.11 -24.03 -7.52
CA MET A 294 21.80 -23.60 -7.02
C MET A 294 20.72 -24.66 -6.84
N LYS A 295 19.98 -24.50 -5.74
CA LYS A 295 18.89 -25.40 -5.39
C LYS A 295 17.60 -24.80 -5.96
N ASP A 296 16.56 -25.63 -6.12
CA ASP A 296 15.30 -25.16 -6.68
C ASP A 296 14.65 -24.07 -5.84
N GLY A 297 14.73 -24.22 -4.52
CA GLY A 297 14.14 -23.23 -3.63
C GLY A 297 14.60 -21.82 -3.94
N GLN A 298 15.89 -21.68 -4.20
CA GLN A 298 16.48 -20.38 -4.52
C GLN A 298 16.15 -19.95 -5.95
N ILE A 299 16.20 -20.91 -6.86
CA ILE A 299 15.93 -20.66 -8.27
C ILE A 299 14.57 -20.02 -8.57
N ILE A 300 13.49 -20.64 -8.13
CA ILE A 300 12.16 -20.11 -8.39
C ILE A 300 11.83 -18.82 -7.66
N SER A 301 12.71 -18.39 -6.76
CA SER A 301 12.48 -17.15 -6.03
C SER A 301 13.15 -15.98 -6.75
N LYS A 302 13.60 -16.22 -7.98
CA LYS A 302 14.28 -15.17 -8.75
C LYS A 302 13.50 -14.66 -9.95
N GLU A 303 12.51 -13.81 -9.70
CA GLU A 303 11.69 -13.22 -10.76
C GLU A 303 12.49 -12.11 -11.44
N SER A 304 12.40 -12.01 -12.77
CA SER A 304 13.12 -10.96 -13.49
C SER A 304 12.58 -9.58 -13.12
N ILE A 305 11.28 -9.52 -12.86
CA ILE A 305 10.65 -8.28 -12.41
C ILE A 305 9.84 -8.67 -11.18
N GLN A 306 10.33 -8.28 -10.02
CA GLN A 306 9.65 -8.58 -8.77
C GLN A 306 8.91 -7.32 -8.32
N ILE A 307 7.66 -7.51 -7.92
CA ILE A 307 6.80 -6.43 -7.45
C ILE A 307 6.47 -6.88 -6.03
N GLU A 308 6.94 -6.12 -5.05
CA GLU A 308 6.76 -6.54 -3.67
C GLU A 308 6.54 -5.38 -2.72
N PRO A 309 6.14 -5.70 -1.47
CA PRO A 309 5.93 -4.65 -0.47
C PRO A 309 7.34 -4.31 0.01
N LEU A 310 7.49 -3.18 0.70
CA LEU A 310 8.81 -2.76 1.15
C LEU A 310 9.20 -3.24 2.55
N THR A 311 10.02 -4.30 2.59
CA THR A 311 10.51 -4.87 3.84
C THR A 311 12.00 -5.13 3.67
N ARG A 312 12.72 -5.25 4.78
CA ARG A 312 14.15 -5.51 4.70
C ARG A 312 14.43 -6.90 4.13
N LYS A 313 13.52 -7.84 4.40
CA LYS A 313 13.66 -9.20 3.90
C LYS A 313 13.65 -9.23 2.37
N GLY A 314 12.68 -8.54 1.76
CA GLY A 314 12.62 -8.52 0.31
C GLY A 314 13.37 -7.36 -0.34
N PHE A 315 13.76 -6.37 0.45
CA PHE A 315 14.48 -5.21 -0.10
C PHE A 315 15.57 -4.83 0.90
N PRO A 316 16.62 -5.65 1.00
CA PRO A 316 17.76 -5.45 1.91
C PRO A 316 18.66 -4.26 1.64
N TYR A 317 18.31 -3.43 0.68
CA TYR A 317 19.11 -2.26 0.31
C TYR A 317 18.84 -1.04 1.16
N ALA A 318 17.77 -1.10 1.96
CA ALA A 318 17.41 0.02 2.81
C ALA A 318 16.85 -0.47 4.15
N LEU A 319 16.61 0.46 5.06
CA LEU A 319 16.08 0.14 6.38
C LEU A 319 14.55 0.07 6.44
N ASN A 320 13.88 0.62 5.42
CA ASN A 320 12.41 0.61 5.39
C ASN A 320 11.90 -0.80 5.68
N ASP A 321 11.07 -0.93 6.71
CA ASP A 321 10.58 -2.26 7.07
C ASP A 321 9.12 -2.29 7.53
N ASP A 322 8.28 -1.37 7.06
CA ASP A 322 6.88 -1.40 7.49
C ASP A 322 5.91 -2.02 6.49
N GLY A 323 6.43 -2.72 5.49
CA GLY A 323 5.58 -3.38 4.51
C GLY A 323 4.76 -2.53 3.55
N LYS A 324 5.23 -1.33 3.24
CA LYS A 324 4.52 -0.45 2.31
C LYS A 324 4.29 -1.18 0.99
N LYS A 325 3.07 -1.13 0.48
CA LYS A 325 2.77 -1.82 -0.77
C LYS A 325 3.22 -1.07 -2.01
N SER A 326 3.28 -1.79 -3.12
CA SER A 326 3.58 -1.19 -4.42
C SER A 326 2.16 -1.05 -4.96
N GLU A 327 1.92 -0.05 -5.79
CA GLU A 327 0.57 0.18 -6.26
C GLU A 327 0.58 0.81 -7.64
N ASN A 328 -0.37 0.44 -8.47
CA ASN A 328 -0.45 0.96 -9.84
C ASN A 328 0.84 0.64 -10.60
N VAL A 329 1.18 -0.64 -10.67
CA VAL A 329 2.37 -1.08 -11.39
C VAL A 329 1.90 -1.76 -12.67
N THR A 330 2.47 -1.35 -13.79
CA THR A 330 2.08 -1.93 -15.08
C THR A 330 3.31 -2.35 -15.87
N ILE A 331 3.33 -3.62 -16.28
CA ILE A 331 4.41 -4.16 -17.10
C ILE A 331 3.67 -4.42 -18.41
N GLN A 332 4.14 -3.87 -19.51
CA GLN A 332 3.42 -4.07 -20.77
C GLN A 332 4.28 -4.03 -22.02
N ASN A 333 3.79 -4.65 -23.08
CA ASN A 333 4.45 -4.69 -24.39
C ASN A 333 5.92 -5.08 -24.34
N SER A 334 6.28 -5.94 -23.40
CA SER A 334 7.67 -6.35 -23.27
C SER A 334 7.89 -7.81 -23.59
N TYR A 335 9.14 -8.12 -23.91
CA TYR A 335 9.51 -9.49 -24.27
C TYR A 335 10.43 -10.12 -23.23
N PHE A 336 10.18 -11.38 -22.92
CA PHE A 336 10.98 -12.11 -21.95
C PHE A 336 11.45 -13.42 -22.55
N GLY A 337 12.77 -13.63 -22.54
CA GLY A 337 13.33 -14.85 -23.10
C GLY A 337 14.77 -15.09 -22.69
N LYS A 338 15.56 -15.64 -23.59
CA LYS A 338 16.96 -15.92 -23.30
C LYS A 338 17.86 -15.02 -24.14
N SER A 339 19.16 -15.09 -23.89
CA SER A 339 20.13 -14.32 -24.64
C SER A 339 21.09 -15.33 -25.26
N ASP A 340 22.10 -14.85 -25.97
CA ASP A 340 23.09 -15.74 -26.56
C ASP A 340 24.10 -16.19 -25.52
N LYS A 341 24.01 -15.65 -24.31
CA LYS A 341 24.95 -16.02 -23.25
C LYS A 341 24.36 -16.79 -22.07
N SER A 342 23.06 -16.64 -21.83
CA SER A 342 22.40 -17.33 -20.73
C SER A 342 20.99 -17.78 -21.12
N GLY A 343 20.51 -18.81 -20.44
CA GLY A 343 19.20 -19.37 -20.73
C GLY A 343 17.96 -18.54 -20.43
N GLU A 344 16.81 -19.17 -20.62
CA GLU A 344 15.52 -18.52 -20.38
C GLU A 344 15.32 -18.13 -18.93
N LEU A 345 14.58 -17.03 -18.71
CA LEU A 345 14.29 -16.56 -17.36
C LEU A 345 13.49 -17.64 -16.66
N VAL A 346 13.58 -17.69 -15.33
CA VAL A 346 12.84 -18.69 -14.56
C VAL A 346 11.39 -18.23 -14.41
N THR A 347 11.22 -17.02 -13.88
CA THR A 347 9.90 -16.43 -13.68
C THR A 347 10.02 -14.99 -14.16
N ALA A 348 9.19 -14.60 -15.11
CA ALA A 348 9.28 -13.23 -15.62
C ALA A 348 8.82 -12.16 -14.65
N ILE A 349 7.64 -12.34 -14.06
CA ILE A 349 7.08 -11.34 -13.16
C ILE A 349 6.37 -11.94 -11.96
N GLY A 350 6.51 -11.29 -10.81
CA GLY A 350 5.79 -11.77 -9.63
C GLY A 350 6.51 -11.51 -8.32
N THR A 351 6.19 -12.33 -7.34
CA THR A 351 6.82 -12.25 -6.04
C THR A 351 6.52 -13.55 -5.30
N HIS A 352 7.24 -13.79 -4.21
CA HIS A 352 7.08 -15.05 -3.48
C HIS A 352 7.08 -14.88 -1.96
N TYR A 353 6.68 -13.71 -1.48
CA TYR A 353 6.71 -13.49 -0.04
C TYR A 353 5.66 -12.50 0.46
N GLN A 354 5.11 -12.81 1.62
CA GLN A 354 4.12 -11.96 2.27
C GLN A 354 3.98 -12.39 3.72
N THR A 355 3.58 -11.46 4.58
CA THR A 355 3.37 -11.75 6.00
C THR A 355 2.21 -10.89 6.48
N LEU A 356 1.79 -11.09 7.73
CA LEU A 356 0.69 -10.30 8.28
C LEU A 356 1.08 -8.83 8.29
N SER A 357 2.39 -8.58 8.26
CA SER A 357 2.92 -7.21 8.31
C SER A 357 3.18 -6.52 6.97
N THR A 358 2.90 -7.19 5.86
CA THR A 358 3.11 -6.57 4.55
C THR A 358 1.77 -6.25 3.89
N GLN A 359 1.69 -5.09 3.23
CA GLN A 359 0.48 -4.70 2.55
C GLN A 359 0.61 -5.22 1.10
N ASN A 360 -0.41 -5.93 0.64
CA ASN A 360 -0.41 -6.50 -0.70
C ASN A 360 -0.30 -5.50 -1.85
N PRO A 361 0.67 -5.72 -2.77
CA PRO A 361 0.78 -4.79 -3.90
C PRO A 361 -0.58 -4.85 -4.61
N SER A 362 -1.10 -3.70 -5.03
CA SER A 362 -2.41 -3.68 -5.69
C SER A 362 -2.47 -2.91 -7.01
N ASN A 363 -3.45 -3.25 -7.83
CA ASN A 363 -3.66 -2.66 -9.15
C ASN A 363 -2.41 -2.88 -9.99
N ILE A 364 -2.12 -4.17 -10.18
CA ILE A 364 -0.97 -4.64 -10.93
C ILE A 364 -1.49 -5.10 -12.28
N LYS A 365 -1.01 -4.46 -13.34
CA LYS A 365 -1.45 -4.81 -14.69
C LYS A 365 -0.29 -5.37 -15.50
N ILE A 366 -0.50 -6.54 -16.08
CA ILE A 366 0.52 -7.20 -16.89
C ILE A 366 -0.16 -7.35 -18.23
N LEU A 367 0.22 -6.48 -19.15
CA LEU A 367 -0.42 -6.40 -20.45
C LEU A 367 0.40 -6.59 -21.72
N ASN A 368 -0.19 -7.34 -22.65
CA ASN A 368 0.41 -7.55 -23.95
C ASN A 368 1.92 -7.85 -23.97
N ASN A 369 2.38 -8.74 -23.09
CA ASN A 369 3.79 -9.11 -23.06
C ASN A 369 3.97 -10.46 -23.73
N HIS A 370 5.19 -10.79 -24.11
CA HIS A 370 5.50 -12.09 -24.71
C HIS A 370 6.46 -12.83 -23.77
N PHE A 371 5.97 -13.88 -23.13
CA PHE A 371 6.78 -14.67 -22.22
C PHE A 371 7.24 -15.88 -23.04
N ASP A 372 8.44 -15.76 -23.61
CA ASP A 372 9.00 -16.77 -24.49
C ASP A 372 9.80 -17.92 -23.88
N ASN A 373 9.09 -18.97 -23.51
CA ASN A 373 9.69 -20.19 -22.96
C ASN A 373 10.34 -20.03 -21.58
N MET A 374 9.60 -19.49 -20.62
CA MET A 374 10.12 -19.33 -19.26
C MET A 374 10.29 -20.73 -18.65
N MET A 375 11.23 -20.88 -17.74
CA MET A 375 11.49 -22.18 -17.12
C MET A 375 10.44 -22.58 -16.09
N TYR A 376 9.86 -21.62 -15.39
CA TYR A 376 8.87 -21.95 -14.37
C TYR A 376 7.52 -21.27 -14.55
N ALA A 377 7.53 -20.00 -14.91
CA ALA A 377 6.27 -19.28 -15.07
C ALA A 377 6.47 -17.90 -15.68
N GLY A 378 5.45 -17.44 -16.40
CA GLY A 378 5.53 -16.11 -16.96
C GLY A 378 5.16 -15.15 -15.84
N VAL A 379 4.14 -15.55 -15.08
CA VAL A 379 3.64 -14.75 -13.96
C VAL A 379 3.32 -15.64 -12.77
N ARG A 380 3.97 -15.38 -11.63
CA ARG A 380 3.74 -16.16 -10.42
C ARG A 380 3.80 -15.23 -9.22
N PHE A 381 2.79 -15.30 -8.36
CA PHE A 381 2.75 -14.40 -7.21
C PHE A 381 1.83 -14.86 -6.08
N THR A 382 2.11 -14.34 -4.89
CA THR A 382 1.30 -14.59 -3.71
C THR A 382 1.22 -13.22 -3.03
N GLY A 383 0.05 -12.85 -2.54
CA GLY A 383 -0.07 -11.56 -1.87
C GLY A 383 -0.33 -10.35 -2.74
N PHE A 384 -1.09 -10.50 -3.82
CA PHE A 384 -1.43 -9.36 -4.70
C PHE A 384 -2.95 -9.15 -4.60
N THR A 385 -3.39 -7.92 -4.83
CA THR A 385 -4.82 -7.61 -4.80
C THR A 385 -5.13 -6.75 -6.02
N ASP A 386 -6.17 -7.13 -6.76
CA ASP A 386 -6.57 -6.40 -7.96
C ASP A 386 -5.46 -6.49 -9.00
N VAL A 387 -5.39 -7.65 -9.65
CA VAL A 387 -4.39 -7.92 -10.67
C VAL A 387 -5.08 -8.18 -12.00
N LEU A 388 -4.46 -7.71 -13.07
CA LEU A 388 -4.99 -7.93 -14.41
C LEU A 388 -3.87 -8.45 -15.30
N ILE A 389 -4.03 -9.70 -15.74
CA ILE A 389 -3.08 -10.35 -16.63
C ILE A 389 -3.87 -10.52 -17.91
N LYS A 390 -3.63 -9.62 -18.86
CA LYS A 390 -4.40 -9.61 -20.10
C LYS A 390 -3.66 -9.45 -21.42
N GLY A 391 -4.12 -10.21 -22.42
CA GLY A 391 -3.54 -10.14 -23.74
C GLY A 391 -2.09 -10.52 -23.91
N ASN A 392 -1.59 -11.36 -23.01
CA ASN A 392 -0.19 -11.79 -23.06
C ASN A 392 -0.06 -13.07 -23.87
N ARG A 393 1.15 -13.35 -24.35
CA ARG A 393 1.42 -14.56 -25.10
C ARG A 393 2.44 -15.38 -24.31
N PHE A 394 2.06 -16.59 -23.90
CA PHE A 394 2.97 -17.45 -23.14
C PHE A 394 3.35 -18.64 -24.01
N ASP A 395 4.62 -18.72 -24.40
CA ASP A 395 5.07 -19.84 -25.21
C ASP A 395 5.91 -20.77 -24.36
N LYS A 396 5.80 -22.07 -24.64
CA LYS A 396 6.57 -23.07 -23.90
C LYS A 396 6.95 -24.18 -24.86
N LYS A 397 8.25 -24.33 -25.07
CA LYS A 397 8.76 -25.36 -25.97
C LYS A 397 9.09 -26.64 -25.22
N VAL A 398 9.49 -27.67 -25.97
CA VAL A 398 9.85 -28.94 -25.35
C VAL A 398 11.24 -28.84 -24.74
N LYS A 399 11.51 -29.74 -23.80
CA LYS A 399 12.79 -29.82 -23.10
C LYS A 399 13.97 -29.72 -24.07
N GLY A 400 13.88 -30.43 -25.18
CA GLY A 400 14.95 -30.44 -26.16
C GLY A 400 15.33 -29.12 -26.80
N GLU A 401 14.39 -28.18 -26.85
CA GLU A 401 14.65 -26.89 -27.45
C GLU A 401 14.80 -25.78 -26.40
N SER A 402 15.05 -26.18 -25.17
CA SER A 402 15.20 -25.21 -24.09
C SER A 402 16.56 -25.31 -23.41
N VAL A 403 17.14 -24.15 -23.08
CA VAL A 403 18.42 -24.13 -22.40
C VAL A 403 18.13 -24.51 -20.95
N HIS A 404 17.08 -23.91 -20.41
CA HIS A 404 16.65 -24.19 -19.05
C HIS A 404 15.38 -25.01 -19.09
N TYR A 405 15.31 -26.03 -18.22
CA TYR A 405 14.13 -26.88 -18.15
C TYR A 405 13.97 -27.37 -16.73
N ARG A 406 12.73 -27.31 -16.23
CA ARG A 406 12.44 -27.74 -14.88
C ARG A 406 11.71 -29.09 -14.87
N GLU A 407 12.39 -30.12 -14.38
CA GLU A 407 11.84 -31.47 -14.32
C GLU A 407 10.56 -31.51 -13.49
N SER A 408 10.48 -30.65 -12.49
CA SER A 408 9.32 -30.59 -11.61
C SER A 408 8.11 -29.98 -12.29
N GLY A 409 8.31 -29.44 -13.50
CA GLY A 409 7.21 -28.86 -14.24
C GLY A 409 7.13 -27.34 -14.17
N ALA A 410 6.06 -26.79 -14.75
CA ALA A 410 5.85 -25.35 -14.77
C ALA A 410 4.37 -24.99 -14.86
N ALA A 411 4.06 -23.76 -14.52
CA ALA A 411 2.70 -23.23 -14.59
C ALA A 411 2.89 -21.81 -15.09
N LEU A 412 2.55 -21.57 -16.35
CA LEU A 412 2.74 -20.25 -16.97
C LEU A 412 2.15 -19.08 -16.19
N VAL A 413 0.95 -19.26 -15.65
CA VAL A 413 0.34 -18.24 -14.80
C VAL A 413 0.10 -19.03 -13.52
N ASN A 414 0.66 -18.56 -12.42
CA ASN A 414 0.51 -19.29 -11.16
C ASN A 414 0.29 -18.35 -9.98
N ALA A 415 -0.98 -18.10 -9.66
CA ALA A 415 -1.31 -17.25 -8.51
C ALA A 415 -1.52 -18.21 -7.37
N TYR A 416 -0.52 -18.32 -6.50
CA TYR A 416 -0.57 -19.25 -5.38
C TYR A 416 -0.60 -18.59 -4.02
N SER A 417 -0.62 -19.41 -2.97
CA SER A 417 -0.66 -18.91 -1.61
C SER A 417 0.64 -19.21 -0.87
N TYR A 418 1.16 -18.21 -0.17
CA TYR A 418 2.40 -18.34 0.60
C TYR A 418 2.25 -19.45 1.65
N LYS A 419 3.23 -20.32 1.74
CA LYS A 419 3.19 -21.42 2.71
C LYS A 419 3.23 -20.89 4.14
N ASN A 420 2.08 -20.92 4.80
CA ASN A 420 1.94 -20.43 6.17
C ASN A 420 0.65 -21.00 6.77
N THR A 421 0.77 -21.83 7.81
CA THR A 421 -0.39 -22.45 8.44
C THR A 421 -0.75 -21.85 9.79
N LYS A 422 -0.07 -20.78 10.18
CA LYS A 422 -0.32 -20.15 11.47
C LYS A 422 -1.10 -18.85 11.37
N ASP A 423 -0.84 -18.08 10.33
CA ASP A 423 -1.51 -16.79 10.16
C ASP A 423 -2.60 -16.75 9.10
N LEU A 424 -3.57 -15.87 9.31
CA LEU A 424 -4.67 -15.70 8.37
C LEU A 424 -4.21 -14.61 7.40
N LEU A 425 -3.42 -15.02 6.42
CA LEU A 425 -2.88 -14.08 5.43
C LEU A 425 -3.88 -13.54 4.43
N ASP A 426 -3.56 -12.37 3.89
CA ASP A 426 -4.38 -11.73 2.89
C ASP A 426 -3.95 -12.33 1.56
N LEU A 427 -4.41 -13.54 1.27
CA LEU A 427 -4.05 -14.22 0.03
C LEU A 427 -4.66 -13.53 -1.18
N ASN A 428 -4.17 -13.88 -2.36
CA ASN A 428 -4.64 -13.29 -3.62
C ASN A 428 -6.14 -13.11 -3.75
N LYS A 429 -6.56 -11.90 -4.14
CA LYS A 429 -7.97 -11.60 -4.36
C LYS A 429 -8.10 -10.65 -5.55
N GLN A 430 -9.23 -10.74 -6.25
CA GLN A 430 -9.47 -9.87 -7.39
C GLN A 430 -8.39 -10.06 -8.45
N VAL A 431 -8.29 -11.27 -8.97
CA VAL A 431 -7.32 -11.58 -10.00
C VAL A 431 -8.08 -11.89 -11.28
N VAL A 432 -7.71 -11.18 -12.35
CA VAL A 432 -8.34 -11.40 -13.65
C VAL A 432 -7.28 -11.86 -14.62
N ILE A 433 -7.53 -13.02 -15.23
CA ILE A 433 -6.64 -13.62 -16.21
C ILE A 433 -7.50 -13.70 -17.46
N ALA A 434 -7.31 -12.76 -18.38
CA ALA A 434 -8.14 -12.73 -19.58
C ALA A 434 -7.45 -12.51 -20.91
N GLU A 435 -8.05 -13.10 -21.94
CA GLU A 435 -7.56 -12.94 -23.30
C GLU A 435 -6.07 -13.20 -23.54
N ASN A 436 -5.50 -14.16 -22.83
CA ASN A 436 -4.10 -14.51 -23.01
C ASN A 436 -4.02 -15.71 -23.95
N ILE A 437 -2.91 -15.84 -24.67
CA ILE A 437 -2.73 -16.97 -25.57
C ILE A 437 -1.59 -17.83 -25.04
N PHE A 438 -1.82 -19.13 -24.96
CA PHE A 438 -0.78 -20.04 -24.49
C PHE A 438 -0.48 -21.07 -25.58
N ASN A 439 0.80 -21.23 -25.91
CA ASN A 439 1.23 -22.21 -26.90
C ASN A 439 2.17 -23.13 -26.14
N ILE A 440 1.67 -24.29 -25.75
CA ILE A 440 2.43 -25.25 -24.97
C ILE A 440 2.79 -26.54 -25.69
N ALA A 441 4.07 -26.91 -25.62
CA ALA A 441 4.57 -28.12 -26.25
C ALA A 441 5.15 -29.06 -25.19
N ASP A 442 5.41 -28.50 -24.01
CA ASP A 442 5.96 -29.28 -22.90
C ASP A 442 4.84 -29.98 -22.13
N PRO A 443 4.89 -31.32 -22.04
CA PRO A 443 3.86 -32.07 -21.34
C PRO A 443 3.80 -31.83 -19.82
N LYS A 444 4.82 -31.20 -19.28
CA LYS A 444 4.86 -30.92 -17.84
C LYS A 444 4.44 -29.49 -17.50
N THR A 445 4.05 -28.73 -18.51
CA THR A 445 3.64 -27.34 -18.29
C THR A 445 2.13 -27.12 -18.25
N LYS A 446 1.69 -26.48 -17.18
CA LYS A 446 0.30 -26.14 -16.94
C LYS A 446 0.15 -24.70 -17.42
N ALA A 447 -0.96 -24.39 -18.11
CA ALA A 447 -1.16 -23.04 -18.59
C ALA A 447 -1.51 -22.07 -17.47
N ILE A 448 -2.60 -22.36 -16.77
CA ILE A 448 -3.09 -21.51 -15.71
C ILE A 448 -3.35 -22.23 -14.40
N ARG A 449 -2.95 -21.59 -13.31
CA ARG A 449 -3.16 -22.14 -11.98
C ARG A 449 -3.44 -21.03 -10.97
N VAL A 450 -4.50 -21.20 -10.18
CA VAL A 450 -4.86 -20.24 -9.15
C VAL A 450 -5.20 -21.13 -7.96
N ALA A 451 -4.49 -20.97 -6.86
CA ALA A 451 -4.78 -21.85 -5.75
C ALA A 451 -4.39 -21.43 -4.35
N LYS A 452 -5.02 -22.12 -3.40
CA LYS A 452 -4.69 -21.97 -1.98
C LYS A 452 -4.19 -23.40 -1.84
N ASP A 453 -2.91 -23.56 -2.15
CA ASP A 453 -2.22 -24.85 -2.17
C ASP A 453 -2.50 -25.85 -1.06
N SER A 454 -2.89 -25.37 0.12
CA SER A 454 -3.17 -26.26 1.23
C SER A 454 -4.42 -25.89 2.00
N ALA A 455 -5.19 -26.91 2.40
CA ALA A 455 -6.40 -26.71 3.17
C ALA A 455 -6.04 -26.13 4.53
N GLU A 456 -4.76 -26.26 4.90
CA GLU A 456 -4.29 -25.77 6.18
C GLU A 456 -4.08 -24.26 6.23
N TYR A 457 -3.99 -23.61 5.07
CA TYR A 457 -3.81 -22.16 5.06
C TYR A 457 -5.12 -21.50 5.48
N LEU A 458 -5.02 -20.62 6.47
CA LEU A 458 -6.19 -19.93 7.03
C LEU A 458 -6.80 -18.81 6.21
N GLY A 459 -5.99 -18.14 5.40
CA GLY A 459 -6.49 -17.04 4.59
C GLY A 459 -7.47 -17.50 3.53
N LYS A 460 -7.85 -16.58 2.64
CA LYS A 460 -8.78 -16.90 1.57
C LYS A 460 -8.40 -16.30 0.21
N VAL A 461 -8.67 -17.06 -0.84
CA VAL A 461 -8.42 -16.66 -2.22
C VAL A 461 -9.82 -16.48 -2.81
N SER A 462 -10.10 -15.30 -3.34
CA SER A 462 -11.43 -15.04 -3.89
C SER A 462 -11.44 -14.02 -5.01
N ASP A 463 -12.58 -13.93 -5.70
CA ASP A 463 -12.76 -13.00 -6.81
C ASP A 463 -11.71 -13.31 -7.87
N ILE A 464 -11.81 -14.50 -8.44
CA ILE A 464 -10.88 -14.98 -9.45
C ILE A 464 -11.66 -15.10 -10.76
N THR A 465 -11.13 -14.51 -11.82
CA THR A 465 -11.77 -14.57 -13.13
C THR A 465 -10.81 -15.04 -14.22
N VAL A 466 -11.19 -16.11 -14.91
CA VAL A 466 -10.39 -16.65 -16.00
C VAL A 466 -11.30 -16.67 -17.22
N THR A 467 -11.13 -15.70 -18.10
CA THR A 467 -12.00 -15.58 -19.26
C THR A 467 -11.33 -15.35 -20.61
N LYS A 468 -11.97 -15.86 -21.65
CA LYS A 468 -11.52 -15.69 -23.02
C LYS A 468 -10.05 -15.97 -23.32
N ASN A 469 -9.45 -16.89 -22.57
CA ASN A 469 -8.06 -17.24 -22.82
C ASN A 469 -8.06 -18.34 -23.86
N VAL A 470 -6.98 -18.41 -24.64
CA VAL A 470 -6.84 -19.43 -25.67
C VAL A 470 -5.62 -20.29 -25.35
N ILE A 471 -5.86 -21.56 -25.10
CA ILE A 471 -4.79 -22.49 -24.78
C ILE A 471 -4.57 -23.49 -25.91
N ASN A 472 -3.40 -23.44 -26.52
CA ASN A 472 -3.04 -24.36 -27.59
C ASN A 472 -2.01 -25.34 -27.04
N ASN A 473 -2.48 -26.46 -26.52
CA ASN A 473 -1.60 -27.47 -25.96
C ASN A 473 -1.42 -28.67 -26.89
N ASN A 474 -0.25 -28.75 -27.54
CA ASN A 474 0.02 -29.88 -28.42
C ASN A 474 1.18 -30.71 -27.91
N SER A 475 1.34 -30.73 -26.58
CA SER A 475 2.40 -31.51 -25.96
C SER A 475 1.96 -32.97 -26.03
N LYS A 476 2.90 -33.90 -26.04
CA LYS A 476 2.55 -35.31 -26.10
C LYS A 476 2.38 -35.93 -24.72
N GLU A 477 1.23 -36.57 -24.52
CA GLU A 477 0.90 -37.22 -23.26
C GLU A 477 1.09 -36.27 -22.07
N THR A 478 0.29 -35.21 -22.08
CA THR A 478 0.33 -34.19 -21.03
C THR A 478 0.16 -34.84 -19.65
N GLU A 479 0.88 -34.30 -18.67
CA GLU A 479 0.83 -34.85 -17.32
C GLU A 479 -0.03 -34.12 -16.30
N GLN A 480 -0.76 -33.10 -16.74
CA GLN A 480 -1.64 -32.37 -15.82
C GLN A 480 -2.66 -31.53 -16.59
N PRO A 481 -3.66 -30.99 -15.89
CA PRO A 481 -4.71 -30.16 -16.50
C PRO A 481 -4.19 -28.87 -17.13
N ASN A 482 -4.99 -28.28 -18.01
CA ASN A 482 -4.63 -27.04 -18.67
C ASN A 482 -4.92 -25.87 -17.72
N ILE A 483 -6.04 -25.96 -17.01
CA ILE A 483 -6.45 -24.91 -16.08
C ILE A 483 -6.86 -25.51 -14.75
N GLU A 484 -6.14 -25.13 -13.69
CA GLU A 484 -6.42 -25.62 -12.34
C GLU A 484 -6.84 -24.50 -11.41
N LEU A 485 -7.96 -24.72 -10.73
CA LEU A 485 -8.49 -23.77 -9.77
C LEU A 485 -8.68 -24.56 -8.48
N LEU A 486 -7.81 -24.28 -7.51
CA LEU A 486 -7.82 -24.98 -6.25
C LEU A 486 -8.14 -24.12 -5.03
N ARG A 487 -9.20 -24.52 -4.33
CA ARG A 487 -9.68 -23.86 -3.13
C ARG A 487 -9.98 -22.37 -3.19
N VAL A 488 -10.70 -21.96 -4.23
CA VAL A 488 -11.10 -20.57 -4.36
C VAL A 488 -12.34 -20.48 -3.46
N SER A 489 -12.31 -19.55 -2.52
CA SER A 489 -13.37 -19.37 -1.54
C SER A 489 -14.67 -18.72 -2.00
N ASP A 490 -14.62 -17.92 -3.05
CA ASP A 490 -15.83 -17.24 -3.49
C ASP A 490 -15.60 -16.47 -4.78
N ASN A 491 -16.68 -16.25 -5.50
CA ASN A 491 -16.66 -15.51 -6.76
C ASN A 491 -15.62 -15.97 -7.78
N LEU A 492 -15.75 -17.23 -8.21
CA LEU A 492 -14.88 -17.78 -9.21
C LEU A 492 -15.64 -17.80 -10.53
N VAL A 493 -15.02 -17.25 -11.58
CA VAL A 493 -15.62 -17.23 -12.91
C VAL A 493 -14.62 -17.78 -13.93
N VAL A 494 -15.03 -18.85 -14.61
CA VAL A 494 -14.19 -19.48 -15.63
C VAL A 494 -15.10 -19.58 -16.85
N SER A 495 -14.94 -18.65 -17.79
CA SER A 495 -15.84 -18.66 -18.95
C SER A 495 -15.23 -18.27 -20.28
N GLU A 496 -15.85 -18.77 -21.34
CA GLU A 496 -15.45 -18.50 -22.72
C GLU A 496 -13.99 -18.73 -23.05
N ASN A 497 -13.37 -19.69 -22.37
CA ASN A 497 -11.99 -20.01 -22.64
C ASN A 497 -11.98 -21.09 -23.73
N SER A 498 -10.96 -21.06 -24.59
CA SER A 498 -10.82 -22.05 -25.66
C SER A 498 -9.59 -22.91 -25.40
N ILE A 499 -9.79 -24.22 -25.29
CA ILE A 499 -8.69 -25.13 -25.03
C ILE A 499 -8.50 -26.15 -26.15
N PHE A 500 -7.37 -26.07 -26.85
CA PHE A 500 -7.06 -26.99 -27.94
C PHE A 500 -5.97 -27.98 -27.57
N GLY A 501 -6.35 -29.21 -27.26
CA GLY A 501 -5.35 -30.23 -26.93
C GLY A 501 -5.10 -30.50 -25.46
N GLY A 502 -4.48 -31.64 -25.20
CA GLY A 502 -4.16 -32.01 -23.83
C GLY A 502 -5.02 -33.15 -23.32
N LYS A 503 -5.08 -33.30 -22.01
CA LYS A 503 -5.86 -34.35 -21.36
C LYS A 503 -7.08 -33.72 -20.72
N GLU A 504 -6.92 -33.16 -19.52
CA GLU A 504 -8.02 -32.51 -18.83
C GLU A 504 -8.04 -31.05 -19.24
N GLY A 505 -9.24 -30.46 -19.28
CA GLY A 505 -9.34 -29.07 -19.66
C GLY A 505 -9.28 -28.20 -18.42
N ILE A 506 -10.41 -28.13 -17.72
CA ILE A 506 -10.52 -27.33 -16.50
C ILE A 506 -10.79 -28.20 -15.28
N VAL A 507 -10.06 -27.94 -14.20
CA VAL A 507 -10.25 -28.67 -12.96
C VAL A 507 -10.54 -27.65 -11.86
N ILE A 508 -11.71 -27.79 -11.23
CA ILE A 508 -12.09 -26.92 -10.14
C ILE A 508 -12.21 -27.84 -8.94
N GLU A 509 -11.32 -27.66 -7.98
CA GLU A 509 -11.26 -28.52 -6.81
C GLU A 509 -11.37 -27.80 -5.47
N ASP A 510 -12.29 -28.29 -4.64
CA ASP A 510 -12.49 -27.74 -3.30
C ASP A 510 -12.84 -26.25 -3.20
N SER A 511 -13.45 -25.72 -4.25
CA SER A 511 -13.82 -24.31 -4.24
C SER A 511 -15.20 -24.13 -3.61
N LYS A 512 -15.40 -23.00 -2.96
CA LYS A 512 -16.66 -22.72 -2.28
C LYS A 512 -17.27 -21.40 -2.75
N GLY A 513 -18.43 -21.07 -2.20
CA GLY A 513 -19.10 -19.83 -2.57
C GLY A 513 -19.58 -19.82 -4.01
N LYS A 514 -19.71 -18.63 -4.57
CA LYS A 514 -20.20 -18.48 -5.94
C LYS A 514 -19.23 -18.94 -7.02
N ILE A 515 -19.70 -19.87 -7.84
CA ILE A 515 -18.92 -20.41 -8.94
C ILE A 515 -19.73 -20.32 -10.23
N THR A 516 -19.08 -19.86 -11.29
CA THR A 516 -19.71 -19.71 -12.59
C THR A 516 -18.76 -20.18 -13.68
N VAL A 517 -19.16 -21.21 -14.41
CA VAL A 517 -18.34 -21.74 -15.50
C VAL A 517 -19.25 -21.74 -16.71
N LEU A 518 -19.04 -20.78 -17.61
CA LEU A 518 -19.92 -20.66 -18.77
C LEU A 518 -19.30 -20.66 -20.15
N ASN A 519 -19.84 -21.52 -20.99
CA ASN A 519 -19.46 -21.65 -22.39
C ASN A 519 -17.99 -21.64 -22.78
N ASN A 520 -17.23 -22.56 -22.20
CA ASN A 520 -15.82 -22.70 -22.54
C ASN A 520 -15.86 -23.66 -23.73
N GLN A 521 -14.80 -23.65 -24.54
CA GLN A 521 -14.73 -24.53 -25.71
C GLN A 521 -13.56 -25.49 -25.59
N PHE A 522 -13.77 -26.73 -26.01
CA PHE A 522 -12.73 -27.76 -25.92
C PHE A 522 -12.57 -28.49 -27.25
N TYR A 523 -11.33 -28.72 -27.65
CA TYR A 523 -11.04 -29.40 -28.90
C TYR A 523 -9.90 -30.39 -28.75
N ASN A 524 -10.08 -31.58 -29.30
CA ASN A 524 -9.06 -32.62 -29.28
C ASN A 524 -8.46 -32.91 -27.90
N LEU A 525 -9.32 -33.00 -26.88
CA LEU A 525 -8.85 -33.31 -25.53
C LEU A 525 -9.03 -34.80 -25.30
N SER A 526 -8.11 -35.41 -24.57
CA SER A 526 -8.17 -36.85 -24.29
C SER A 526 -8.78 -37.20 -22.95
N GLY A 527 -8.99 -36.19 -22.10
CA GLY A 527 -9.58 -36.45 -20.80
C GLY A 527 -10.84 -35.65 -20.54
N LYS A 528 -11.24 -35.55 -19.27
CA LYS A 528 -12.44 -34.81 -18.92
C LYS A 528 -12.29 -33.32 -19.19
N TYR A 529 -13.24 -32.76 -19.93
CA TYR A 529 -13.21 -31.34 -20.25
C TYR A 529 -13.26 -30.50 -18.98
N ILE A 530 -14.22 -30.83 -18.11
CA ILE A 530 -14.41 -30.11 -16.86
C ILE A 530 -14.55 -31.07 -15.69
N SER A 531 -13.77 -30.82 -14.63
CA SER A 531 -13.80 -31.64 -13.42
C SER A 531 -14.15 -30.72 -12.25
N PHE A 532 -15.32 -30.96 -11.66
CA PHE A 532 -15.79 -30.16 -10.52
C PHE A 532 -15.73 -31.11 -9.33
N ILE A 533 -14.65 -30.99 -8.56
CA ILE A 533 -14.39 -31.85 -7.42
C ILE A 533 -14.41 -31.23 -6.03
N LYS A 534 -14.89 -32.02 -5.06
CA LYS A 534 -14.91 -31.59 -3.67
C LYS A 534 -14.34 -32.75 -2.87
N SER A 535 -13.76 -32.46 -1.70
CA SER A 535 -13.20 -33.51 -0.88
C SER A 535 -13.73 -33.42 0.54
N ASN A 536 -13.66 -34.53 1.24
CA ASN A 536 -14.10 -34.60 2.63
C ASN A 536 -12.80 -34.71 3.42
N ALA A 537 -12.90 -34.80 4.73
CA ALA A 537 -11.71 -34.88 5.57
C ALA A 537 -10.76 -36.03 5.23
N ASN A 538 -11.18 -36.93 4.34
CA ASN A 538 -10.31 -38.06 4.01
C ASN A 538 -10.19 -38.47 2.53
N GLY A 539 -11.16 -38.08 1.69
CA GLY A 539 -11.15 -38.49 0.28
C GLY A 539 -11.72 -37.52 -0.73
N LYS A 540 -12.08 -38.01 -1.91
CA LYS A 540 -12.56 -37.15 -2.98
C LYS A 540 -13.80 -37.64 -3.70
N GLU A 541 -14.64 -36.70 -4.11
CA GLU A 541 -15.87 -36.98 -4.85
C GLU A 541 -16.36 -35.73 -5.58
N PRO A 542 -17.09 -35.93 -6.69
CA PRO A 542 -17.62 -34.82 -7.50
C PRO A 542 -18.65 -33.99 -6.73
N VAL A 543 -18.71 -32.69 -7.01
CA VAL A 543 -19.68 -31.84 -6.33
C VAL A 543 -21.09 -32.25 -6.75
N ILE A 544 -21.21 -32.73 -7.99
CA ILE A 544 -22.51 -33.15 -8.52
C ILE A 544 -22.42 -34.45 -9.33
N SER A 547 -20.79 -36.42 -14.71
CA SER A 547 -20.31 -35.24 -15.42
C SER A 547 -19.32 -35.62 -16.50
N ASP A 548 -19.52 -35.09 -17.71
CA ASP A 548 -18.63 -35.37 -18.84
C ASP A 548 -19.01 -34.47 -20.01
N GLY A 549 -18.06 -34.25 -20.91
CA GLY A 549 -18.31 -33.39 -22.06
C GLY A 549 -18.32 -31.92 -21.63
N ASN A 550 -18.80 -31.06 -22.52
CA ASN A 550 -18.86 -29.63 -22.24
C ASN A 550 -20.18 -29.31 -21.56
N PHE A 551 -20.12 -28.50 -20.50
CA PHE A 551 -21.32 -28.10 -19.78
C PHE A 551 -21.02 -26.84 -18.99
N ASN A 552 -22.04 -26.28 -18.37
CA ASN A 552 -21.86 -25.08 -17.58
C ASN A 552 -22.19 -25.34 -16.12
N ILE A 553 -21.66 -24.48 -15.26
CA ILE A 553 -21.92 -24.59 -13.83
C ILE A 553 -22.38 -23.21 -13.41
N VAL A 554 -23.42 -23.18 -12.58
CA VAL A 554 -23.94 -21.91 -12.09
C VAL A 554 -24.25 -22.12 -10.63
N THR A 555 -24.32 -21.03 -9.88
CA THR A 555 -24.64 -21.09 -8.47
C THR A 555 -25.99 -20.43 -8.28
N GLU A 556 -26.93 -21.18 -7.71
CA GLU A 556 -28.28 -20.68 -7.50
C GLU A 556 -28.65 -20.82 -6.03
N ASN A 557 -28.84 -19.69 -5.36
CA ASN A 557 -29.21 -19.67 -3.95
C ASN A 557 -28.16 -20.45 -3.15
N GLY A 558 -26.89 -20.24 -3.48
CA GLY A 558 -25.81 -20.90 -2.78
C GLY A 558 -25.54 -22.33 -3.22
N LEU A 559 -26.40 -22.89 -4.07
CA LEU A 559 -26.21 -24.25 -4.54
C LEU A 559 -25.75 -24.32 -6.00
N TYR A 560 -25.00 -25.37 -6.33
CA TYR A 560 -24.46 -25.55 -7.68
C TYR A 560 -25.32 -26.48 -8.53
N LYS A 561 -25.26 -26.30 -9.84
CA LYS A 561 -26.00 -27.14 -10.77
C LYS A 561 -25.41 -27.12 -12.16
N ILE A 562 -25.28 -28.30 -12.76
CA ILE A 562 -24.74 -28.43 -14.11
C ILE A 562 -25.84 -28.08 -15.10
N VAL A 563 -25.48 -27.30 -16.11
CA VAL A 563 -26.41 -26.89 -17.14
C VAL A 563 -25.84 -27.23 -18.50
N THR A 564 -26.68 -27.73 -19.40
CA THR A 564 -26.25 -28.11 -20.74
C THR A 564 -26.00 -26.91 -21.66
N ASN A 565 -24.95 -27.05 -22.47
CA ASN A 565 -24.60 -26.04 -23.47
C ASN A 565 -24.15 -26.90 -24.65
N ASN A 566 -24.67 -26.64 -25.84
CA ASN A 566 -24.29 -27.46 -26.98
C ASN A 566 -23.13 -26.91 -27.79
N LEU A 567 -21.94 -27.03 -27.20
CA LEU A 567 -20.69 -26.59 -27.82
C LEU A 567 -19.76 -27.78 -27.67
N SER A 568 -19.51 -28.50 -28.77
CA SER A 568 -18.63 -29.66 -28.70
C SER A 568 -17.63 -29.74 -29.84
N ASP A 569 -16.61 -30.57 -29.65
CA ASP A 569 -15.56 -30.75 -30.65
C ASP A 569 -15.95 -31.71 -31.76
N LYS A 570 -15.89 -31.24 -33.00
CA LYS A 570 -16.22 -32.07 -34.16
C LYS A 570 -15.05 -32.02 -35.12
N ASN A 571 -13.86 -32.21 -34.57
CA ASN A 571 -12.61 -32.22 -35.33
C ASN A 571 -12.36 -33.65 -35.78
N THR B 114 -16.51 -23.01 12.96
CA THR B 114 -17.13 -22.26 11.83
C THR B 114 -17.94 -21.06 12.33
N ALA B 115 -17.70 -19.90 11.72
CA ALA B 115 -18.37 -18.65 12.08
C ALA B 115 -19.89 -18.75 12.11
N LEU B 116 -20.50 -17.90 12.93
CA LEU B 116 -21.95 -17.85 13.06
C LEU B 116 -22.48 -16.76 12.12
N SER B 117 -23.46 -17.10 11.30
CA SER B 117 -24.03 -16.12 10.41
C SER B 117 -25.12 -15.36 11.16
N VAL B 118 -25.15 -14.03 11.00
CA VAL B 118 -26.16 -13.24 11.68
C VAL B 118 -27.57 -13.58 11.18
N LYS B 119 -27.61 -14.28 10.05
CA LYS B 119 -28.89 -14.68 9.46
C LYS B 119 -29.51 -15.78 10.32
N ASP B 120 -28.66 -16.56 10.98
CA ASP B 120 -29.13 -17.64 11.85
C ASP B 120 -29.96 -17.07 12.99
N TYR B 121 -29.77 -15.79 13.29
CA TYR B 121 -30.50 -15.15 14.37
C TYR B 121 -31.61 -14.22 13.96
N GLY B 122 -32.06 -14.34 12.70
CA GLY B 122 -33.16 -13.52 12.24
C GLY B 122 -32.81 -12.30 11.41
N ALA B 123 -31.52 -12.06 11.17
CA ALA B 123 -31.13 -10.90 10.36
C ALA B 123 -31.68 -11.07 8.95
N VAL B 124 -32.33 -10.03 8.44
CA VAL B 124 -32.92 -10.07 7.11
C VAL B 124 -31.95 -9.53 6.05
N GLY B 125 -31.23 -8.46 6.40
CA GLY B 125 -30.28 -7.86 5.47
C GLY B 125 -30.91 -7.12 4.31
N ASP B 126 -32.14 -6.62 4.48
CA ASP B 126 -32.80 -5.90 3.41
C ASP B 126 -32.79 -4.38 3.58
N GLY B 127 -32.17 -3.92 4.66
CA GLY B 127 -32.08 -2.49 4.90
C GLY B 127 -33.39 -1.90 5.38
N ILE B 128 -34.37 -2.75 5.68
CA ILE B 128 -35.67 -2.27 6.14
C ILE B 128 -35.98 -2.84 7.52
N HIS B 129 -35.76 -4.13 7.68
CA HIS B 129 -35.99 -4.80 8.95
C HIS B 129 -34.87 -4.41 9.90
N ASP B 130 -35.22 -4.09 11.15
CA ASP B 130 -34.21 -3.73 12.13
C ASP B 130 -33.47 -5.00 12.56
N ASP B 131 -32.23 -5.15 12.09
CA ASP B 131 -31.44 -6.34 12.39
C ASP B 131 -30.55 -6.22 13.63
N ARG B 132 -30.69 -5.15 14.38
CA ARG B 132 -29.85 -4.99 15.57
C ARG B 132 -29.89 -6.20 16.51
N GLN B 133 -31.09 -6.57 16.94
CA GLN B 133 -31.19 -7.70 17.87
C GLN B 133 -30.54 -8.97 17.34
N ALA B 134 -30.80 -9.30 16.08
CA ALA B 134 -30.22 -10.49 15.48
C ALA B 134 -28.69 -10.46 15.57
N ILE B 135 -28.11 -9.31 15.22
CA ILE B 135 -26.67 -9.12 15.27
C ILE B 135 -26.17 -9.23 16.71
N GLN B 136 -26.86 -8.58 17.64
CA GLN B 136 -26.45 -8.64 19.03
C GLN B 136 -26.49 -10.08 19.54
N ASP B 137 -27.53 -10.82 19.17
CA ASP B 137 -27.66 -12.21 19.60
C ASP B 137 -26.48 -13.02 19.06
N ALA B 138 -26.11 -12.74 17.82
CA ALA B 138 -24.98 -13.43 17.18
C ALA B 138 -23.70 -13.16 17.96
N ILE B 139 -23.46 -11.90 18.27
CA ILE B 139 -22.27 -11.49 19.01
C ILE B 139 -22.26 -12.11 20.40
N ASP B 140 -23.41 -12.03 21.09
CA ASP B 140 -23.51 -12.58 22.43
C ASP B 140 -23.17 -14.07 22.44
N ALA B 141 -23.68 -14.79 21.44
CA ALA B 141 -23.40 -16.22 21.37
C ALA B 141 -21.90 -16.44 21.17
N ALA B 142 -21.32 -15.69 20.25
CA ALA B 142 -19.89 -15.80 19.96
C ALA B 142 -19.04 -15.50 21.18
N ALA B 143 -19.45 -14.51 21.96
CA ALA B 143 -18.72 -14.12 23.17
C ALA B 143 -18.68 -15.28 24.16
N GLN B 144 -19.68 -16.16 24.08
CA GLN B 144 -19.76 -17.31 24.96
C GLN B 144 -18.86 -18.44 24.48
N GLY B 145 -18.35 -18.32 23.26
CA GLY B 145 -17.47 -19.34 22.73
C GLY B 145 -17.98 -20.00 21.47
N LEU B 146 -19.25 -19.79 21.14
CA LEU B 146 -19.83 -20.39 19.94
C LEU B 146 -19.17 -19.90 18.65
N GLY B 147 -18.88 -20.85 17.76
CA GLY B 147 -18.26 -20.52 16.49
C GLY B 147 -16.88 -19.92 16.64
N GLY B 148 -16.18 -20.28 17.71
CA GLY B 148 -14.84 -19.76 17.94
C GLY B 148 -14.86 -18.25 18.17
N GLY B 149 -16.06 -17.71 18.37
CA GLY B 149 -16.20 -16.29 18.59
C GLY B 149 -16.30 -15.54 17.28
N ASN B 150 -16.45 -16.28 16.18
CA ASN B 150 -16.54 -15.69 14.87
C ASN B 150 -17.99 -15.47 14.41
N VAL B 151 -18.25 -14.26 13.90
CA VAL B 151 -19.57 -13.88 13.40
C VAL B 151 -19.43 -13.43 11.94
N TYR B 152 -20.31 -13.93 11.08
CA TYR B 152 -20.24 -13.58 9.67
C TYR B 152 -21.47 -12.84 9.16
N PHE B 153 -21.24 -11.91 8.24
CA PHE B 153 -22.32 -11.14 7.62
C PHE B 153 -22.34 -11.41 6.12
N PRO B 154 -23.35 -12.14 5.65
CA PRO B 154 -23.45 -12.44 4.21
C PRO B 154 -23.79 -11.13 3.50
N GLU B 155 -23.75 -11.15 2.16
CA GLU B 155 -24.07 -9.96 1.38
C GLU B 155 -25.45 -9.44 1.80
N GLY B 156 -25.59 -8.12 1.85
CA GLY B 156 -26.86 -7.53 2.24
C GLY B 156 -26.68 -6.21 2.97
N THR B 157 -27.79 -5.55 3.29
CA THR B 157 -27.75 -4.27 4.00
C THR B 157 -28.43 -4.48 5.35
N TYR B 158 -27.66 -4.29 6.43
CA TYR B 158 -28.19 -4.51 7.77
C TYR B 158 -28.48 -3.24 8.56
N LEU B 159 -29.75 -2.88 8.60
CA LEU B 159 -30.20 -1.70 9.33
C LEU B 159 -30.20 -1.96 10.83
N VAL B 160 -29.76 -0.96 11.59
CA VAL B 160 -29.77 -1.07 13.05
C VAL B 160 -30.39 0.22 13.60
N LYS B 161 -31.36 0.06 14.50
CA LYS B 161 -32.03 1.23 15.06
C LYS B 161 -31.52 1.61 16.45
N GLU B 162 -30.53 0.87 16.92
CA GLU B 162 -29.90 1.14 18.21
C GLU B 162 -28.47 0.65 18.16
N ILE B 163 -27.70 0.96 19.20
CA ILE B 163 -26.29 0.58 19.29
C ILE B 163 -26.02 -0.91 19.47
N VAL B 164 -24.99 -1.38 18.76
CA VAL B 164 -24.55 -2.77 18.84
C VAL B 164 -23.33 -2.78 19.75
N PHE B 165 -23.28 -3.74 20.67
CA PHE B 165 -22.17 -3.83 21.60
C PHE B 165 -21.21 -4.97 21.32
N LEU B 166 -19.98 -4.61 20.98
CA LEU B 166 -18.93 -5.59 20.70
C LEU B 166 -18.52 -6.22 22.03
N LYS B 167 -18.16 -7.50 22.00
CA LYS B 167 -17.75 -8.19 23.22
C LYS B 167 -16.36 -8.78 23.05
N SER B 168 -15.69 -9.02 24.18
CA SER B 168 -14.35 -9.60 24.16
C SER B 168 -14.32 -10.93 23.42
N HIS B 169 -13.20 -11.18 22.74
CA HIS B 169 -13.00 -12.42 22.01
C HIS B 169 -14.02 -12.69 20.92
N THR B 170 -14.50 -11.65 20.26
CA THR B 170 -15.46 -11.83 19.18
C THR B 170 -14.80 -11.28 17.92
N HIS B 171 -15.03 -11.94 16.80
CA HIS B 171 -14.43 -11.53 15.55
C HIS B 171 -15.45 -11.48 14.43
N LEU B 172 -15.76 -10.26 14.00
CA LEU B 172 -16.72 -10.04 12.95
C LEU B 172 -16.08 -9.93 11.58
N GLU B 173 -16.63 -10.71 10.64
CA GLU B 173 -16.15 -10.72 9.27
C GLU B 173 -17.35 -10.40 8.39
N LEU B 174 -17.23 -9.38 7.55
CA LEU B 174 -18.33 -9.02 6.67
C LEU B 174 -17.98 -9.25 5.21
N ASN B 175 -18.97 -9.68 4.45
CA ASN B 175 -18.83 -9.92 3.02
C ASN B 175 -18.52 -8.58 2.38
N GLU B 176 -17.75 -8.58 1.30
CA GLU B 176 -17.41 -7.34 0.62
C GLU B 176 -18.68 -6.57 0.24
N LYS B 177 -19.79 -7.27 0.06
CA LYS B 177 -21.03 -6.61 -0.29
C LYS B 177 -22.00 -6.55 0.88
N ALA B 178 -21.46 -6.61 2.09
CA ALA B 178 -22.27 -6.52 3.31
C ALA B 178 -22.11 -5.09 3.81
N THR B 179 -23.23 -4.42 4.04
CA THR B 179 -23.22 -3.04 4.52
C THR B 179 -24.03 -2.88 5.80
N ILE B 180 -23.45 -2.26 6.80
CA ILE B 180 -24.19 -2.02 8.04
C ILE B 180 -24.74 -0.60 7.93
N LEU B 181 -26.06 -0.49 7.92
CA LEU B 181 -26.71 0.81 7.79
C LEU B 181 -27.12 1.43 9.11
N ASN B 182 -26.55 2.59 9.41
CA ASN B 182 -26.86 3.30 10.64
C ASN B 182 -28.27 3.88 10.59
N GLY B 183 -29.15 3.36 11.43
CA GLY B 183 -30.51 3.84 11.50
C GLY B 183 -30.82 4.39 12.88
N ILE B 184 -29.76 4.66 13.66
CA ILE B 184 -29.93 5.19 15.00
C ILE B 184 -30.29 6.67 14.94
N ASN B 185 -31.56 6.97 15.15
CA ASN B 185 -32.06 8.34 15.09
C ASN B 185 -32.79 8.65 16.41
N ILE B 186 -32.00 8.95 17.44
CA ILE B 186 -32.53 9.23 18.77
C ILE B 186 -32.09 10.60 19.29
N LYS B 187 -33.07 11.36 19.79
CA LYS B 187 -32.82 12.69 20.33
C LYS B 187 -31.92 12.67 21.56
N ASN B 188 -31.00 13.64 21.66
CA ASN B 188 -30.10 13.74 22.82
C ASN B 188 -29.43 12.39 23.07
N HIS B 189 -29.07 11.72 21.98
CA HIS B 189 -28.48 10.39 22.06
C HIS B 189 -27.43 10.22 20.96
N PRO B 190 -26.34 9.50 21.25
CA PRO B 190 -25.33 9.34 20.19
C PRO B 190 -25.86 8.47 19.05
N SER B 191 -25.23 8.59 17.89
CA SER B 191 -25.61 7.80 16.73
C SER B 191 -24.31 7.15 16.24
N ILE B 192 -23.84 6.19 17.03
CA ILE B 192 -22.62 5.44 16.74
C ILE B 192 -22.99 3.97 16.70
N VAL B 193 -22.73 3.33 15.57
CA VAL B 193 -23.10 1.93 15.36
C VAL B 193 -22.59 0.90 16.37
N PHE B 194 -21.29 0.92 16.67
CA PHE B 194 -20.67 -0.05 17.58
C PHE B 194 -19.97 0.59 18.79
N MET B 195 -20.11 -0.07 19.95
CA MET B 195 -19.47 0.38 21.19
C MET B 195 -18.92 -0.85 21.93
N THR B 196 -17.87 -0.67 22.73
CA THR B 196 -17.29 -1.77 23.48
C THR B 196 -17.82 -1.79 24.91
N GLY B 197 -18.85 -1.01 25.16
CA GLY B 197 -19.46 -0.96 26.49
C GLY B 197 -20.91 -0.55 26.37
N LEU B 198 -21.71 -0.85 27.39
CA LEU B 198 -23.13 -0.53 27.36
C LEU B 198 -23.48 0.96 27.43
N PHE B 199 -24.54 1.33 26.73
CA PHE B 199 -25.05 2.69 26.72
C PHE B 199 -26.55 2.59 26.53
N THR B 200 -27.31 3.36 27.30
CA THR B 200 -28.77 3.35 27.20
C THR B 200 -29.26 4.75 26.84
N ASP B 201 -29.24 5.64 27.83
CA ASP B 201 -29.67 7.02 27.62
C ASP B 201 -28.74 7.91 28.42
N ASP B 202 -28.69 9.19 28.05
CA ASP B 202 -27.84 10.14 28.76
C ASP B 202 -28.37 10.25 30.19
N GLY B 203 -27.47 10.28 31.16
CA GLY B 203 -27.86 10.37 32.55
C GLY B 203 -27.88 9.00 33.19
N ALA B 204 -27.78 7.96 32.37
CA ALA B 204 -27.79 6.58 32.85
C ALA B 204 -26.52 5.82 32.45
N GLN B 205 -25.46 6.56 32.14
CA GLN B 205 -24.19 5.95 31.75
C GLN B 205 -23.67 5.07 32.88
N VAL B 206 -22.94 4.03 32.50
CA VAL B 206 -22.36 3.11 33.48
C VAL B 206 -20.85 3.04 33.24
N GLU B 207 -20.14 2.39 34.15
CA GLU B 207 -18.69 2.25 34.01
C GLU B 207 -18.44 1.14 32.98
N TRP B 208 -17.49 1.36 32.08
CA TRP B 208 -17.15 0.37 31.06
C TRP B 208 -15.99 -0.50 31.55
N GLY B 209 -16.25 -1.78 31.78
CA GLY B 209 -15.19 -2.68 32.22
C GLY B 209 -14.21 -2.91 31.08
N PRO B 210 -13.06 -3.53 31.34
CA PRO B 210 -12.07 -3.78 30.28
C PRO B 210 -12.48 -4.87 29.30
N THR B 211 -12.26 -4.62 28.01
CA THR B 211 -12.57 -5.61 27.00
C THR B 211 -11.30 -5.86 26.19
N GLU B 212 -11.27 -6.97 25.46
CA GLU B 212 -10.07 -7.28 24.70
C GLU B 212 -10.30 -8.31 23.62
N ASP B 213 -9.31 -8.40 22.73
CA ASP B 213 -9.34 -9.35 21.64
C ASP B 213 -10.60 -9.23 20.81
N ILE B 214 -10.77 -8.06 20.20
CA ILE B 214 -11.93 -7.79 19.35
C ILE B 214 -11.45 -7.42 17.95
N SER B 215 -12.02 -8.06 16.93
CA SER B 215 -11.64 -7.75 15.56
C SER B 215 -12.87 -7.56 14.70
N TYR B 216 -12.79 -6.63 13.74
CA TYR B 216 -13.87 -6.33 12.82
C TYR B 216 -13.24 -6.15 11.44
N SER B 217 -13.75 -6.85 10.44
CA SER B 217 -13.15 -6.75 9.11
C SER B 217 -14.12 -6.91 7.95
N GLY B 218 -13.88 -6.12 6.91
CA GLY B 218 -14.69 -6.21 5.70
C GLY B 218 -15.97 -5.40 5.64
N GLY B 219 -16.57 -5.41 4.46
CA GLY B 219 -17.80 -4.71 4.23
C GLY B 219 -17.74 -3.21 4.35
N THR B 220 -18.92 -2.62 4.52
CA THR B 220 -19.06 -1.17 4.63
C THR B 220 -19.92 -0.83 5.84
N ILE B 221 -19.68 0.36 6.39
CA ILE B 221 -20.49 0.84 7.49
C ILE B 221 -20.98 2.18 6.97
N ASP B 222 -22.27 2.26 6.68
CA ASP B 222 -22.88 3.49 6.16
C ASP B 222 -23.35 4.29 7.38
N MET B 223 -22.59 5.31 7.75
CA MET B 223 -22.95 6.12 8.91
C MET B 223 -24.19 6.96 8.65
N ASN B 224 -24.67 6.86 7.40
CA ASN B 224 -25.89 7.49 6.94
C ASN B 224 -26.10 8.95 7.35
N GLY B 225 -25.07 9.78 7.15
CA GLY B 225 -25.19 11.16 7.54
C GLY B 225 -25.37 12.23 6.46
N ALA B 226 -25.59 11.82 5.22
CA ALA B 226 -25.76 12.80 4.14
C ALA B 226 -26.85 13.79 4.53
N LEU B 227 -26.68 15.04 4.14
CA LEU B 227 -27.61 16.11 4.48
C LEU B 227 -28.92 16.13 3.70
N ASN B 228 -29.91 16.83 4.25
CA ASN B 228 -31.19 16.98 3.59
C ASN B 228 -30.99 18.05 2.53
N GLU B 229 -32.00 18.27 1.69
CA GLU B 229 -31.89 19.28 0.63
C GLU B 229 -31.50 20.66 1.15
N GLU B 230 -31.95 21.01 2.35
CA GLU B 230 -31.62 22.31 2.93
C GLU B 230 -30.20 22.33 3.49
N GLY B 231 -29.62 21.15 3.68
CA GLY B 231 -28.27 21.04 4.21
C GLY B 231 -28.18 21.53 5.64
N THR B 232 -29.22 21.27 6.42
CA THR B 232 -29.27 21.70 7.82
C THR B 232 -29.32 20.52 8.79
N LYS B 233 -29.59 19.32 8.26
CA LYS B 233 -29.69 18.13 9.09
C LYS B 233 -29.39 16.88 8.28
N ALA B 234 -29.13 15.78 8.99
CA ALA B 234 -28.86 14.51 8.33
C ALA B 234 -30.20 14.07 7.76
N LYS B 235 -30.24 13.87 6.44
CA LYS B 235 -31.43 13.46 5.71
C LYS B 235 -32.22 12.31 6.33
N ASN B 236 -31.56 11.16 6.52
CA ASN B 236 -32.23 10.00 7.08
C ASN B 236 -32.19 9.85 8.60
N LEU B 237 -31.49 10.76 9.28
CA LEU B 237 -31.38 10.73 10.74
C LEU B 237 -31.55 12.17 11.25
N PRO B 238 -32.73 12.76 11.03
CA PRO B 238 -33.06 14.14 11.44
C PRO B 238 -32.91 14.53 12.92
N LEU B 239 -32.93 13.57 13.83
CA LEU B 239 -32.83 13.91 15.25
C LEU B 239 -31.41 13.87 15.84
N ILE B 240 -30.44 13.40 15.07
CA ILE B 240 -29.08 13.31 15.60
C ILE B 240 -28.23 14.56 15.50
N ASN B 241 -27.18 14.63 16.33
CA ASN B 241 -26.26 15.76 16.30
C ASN B 241 -24.94 15.35 15.64
N SER B 242 -24.76 14.03 15.46
CA SER B 242 -23.57 13.49 14.81
C SER B 242 -23.69 11.96 14.71
N SER B 243 -22.95 11.36 13.78
CA SER B 243 -22.99 9.91 13.62
C SER B 243 -21.56 9.39 13.49
N GLY B 244 -21.36 8.12 13.85
CA GLY B 244 -20.04 7.52 13.79
C GLY B 244 -20.17 6.02 13.67
N ALA B 245 -19.04 5.31 13.59
CA ALA B 245 -19.07 3.87 13.46
C ALA B 245 -18.65 3.10 14.70
N PHE B 246 -17.57 3.55 15.34
CA PHE B 246 -17.04 2.87 16.52
C PHE B 246 -16.72 3.80 17.69
N ALA B 247 -17.03 3.31 18.89
CA ALA B 247 -16.71 4.03 20.13
C ALA B 247 -15.98 2.95 20.92
N ILE B 248 -14.65 2.98 20.86
CA ILE B 248 -13.80 2.01 21.54
C ILE B 248 -13.22 2.58 22.82
N GLY B 249 -13.70 2.11 23.97
CA GLY B 249 -13.21 2.62 25.22
C GLY B 249 -12.77 1.55 26.19
N ASN B 250 -11.65 1.80 26.87
CA ASN B 250 -11.11 0.87 27.88
C ASN B 250 -10.93 -0.52 27.27
N SER B 251 -10.47 -0.58 26.03
CA SER B 251 -10.29 -1.85 25.35
C SER B 251 -8.81 -2.14 25.09
N ASN B 252 -8.52 -3.37 24.67
CA ASN B 252 -7.16 -3.78 24.38
C ASN B 252 -7.16 -4.82 23.25
N ASN B 253 -6.19 -4.72 22.36
CA ASN B 253 -6.09 -5.65 21.24
C ASN B 253 -7.35 -5.61 20.39
N VAL B 254 -7.56 -4.48 19.74
CA VAL B 254 -8.71 -4.26 18.87
C VAL B 254 -8.20 -4.07 17.45
N THR B 255 -8.82 -4.75 16.49
CA THR B 255 -8.38 -4.62 15.11
C THR B 255 -9.53 -4.36 14.18
N ILE B 256 -9.45 -3.26 13.44
CA ILE B 256 -10.45 -2.88 12.44
C ILE B 256 -9.69 -2.93 11.13
N LYS B 257 -10.13 -3.79 10.21
CA LYS B 257 -9.43 -3.98 8.95
C LYS B 257 -10.31 -4.07 7.72
N ASN B 258 -9.87 -3.41 6.64
CA ASN B 258 -10.57 -3.43 5.37
C ASN B 258 -12.05 -3.09 5.46
N VAL B 259 -12.33 -1.93 6.03
CA VAL B 259 -13.69 -1.46 6.19
C VAL B 259 -13.83 -0.15 5.43
N THR B 260 -14.99 0.06 4.80
CA THR B 260 -15.27 1.30 4.08
C THR B 260 -16.27 2.08 4.93
N PHE B 261 -15.83 3.20 5.49
CA PHE B 261 -16.67 4.05 6.33
C PHE B 261 -17.26 5.18 5.50
N LYS B 262 -18.58 5.21 5.38
CA LYS B 262 -19.25 6.23 4.58
C LYS B 262 -20.16 7.23 5.29
N ASP B 263 -20.01 8.48 4.89
CA ASP B 263 -20.82 9.60 5.35
C ASP B 263 -21.15 9.82 6.81
N SER B 264 -20.15 10.27 7.57
CA SER B 264 -20.33 10.58 8.98
C SER B 264 -20.99 11.94 9.09
N TYR B 265 -22.04 12.05 9.91
CA TYR B 265 -22.70 13.34 10.09
C TYR B 265 -21.86 14.13 11.08
N GLN B 266 -21.05 15.05 10.57
CA GLN B 266 -20.16 15.88 11.39
C GLN B 266 -19.70 15.15 12.65
N GLY B 267 -19.21 13.92 12.47
CA GLY B 267 -18.78 13.14 13.62
C GLY B 267 -17.47 12.40 13.48
N HIS B 268 -17.17 11.61 14.51
CA HIS B 268 -15.97 10.79 14.55
C HIS B 268 -16.37 9.40 14.06
N ALA B 269 -15.75 8.95 12.97
CA ALA B 269 -16.04 7.62 12.46
C ALA B 269 -15.57 6.63 13.53
N ILE B 270 -14.44 6.95 14.14
CA ILE B 270 -13.86 6.10 15.19
C ILE B 270 -13.28 6.92 16.33
N GLN B 271 -13.63 6.54 17.55
CA GLN B 271 -13.08 7.19 18.74
C GLN B 271 -12.41 6.06 19.52
N ILE B 272 -11.13 6.24 19.81
CA ILE B 272 -10.31 5.29 20.54
C ILE B 272 -9.92 5.99 21.83
N ALA B 273 -10.59 5.63 22.94
CA ALA B 273 -10.35 6.26 24.24
C ALA B 273 -9.88 5.29 25.30
N GLY B 274 -8.74 5.62 25.92
CA GLY B 274 -8.19 4.78 26.98
C GLY B 274 -8.04 3.32 26.55
N SER B 275 -7.71 3.11 25.28
CA SER B 275 -7.55 1.76 24.76
C SER B 275 -6.12 1.48 24.31
N LYS B 276 -5.72 0.23 24.40
CA LYS B 276 -4.36 -0.17 24.06
C LYS B 276 -4.29 -1.17 22.90
N ASN B 277 -3.22 -1.08 22.11
CA ASN B 277 -3.00 -1.98 20.99
C ASN B 277 -4.19 -1.99 20.04
N VAL B 278 -4.46 -0.83 19.44
CA VAL B 278 -5.56 -0.73 18.50
C VAL B 278 -4.97 -0.52 17.11
N LEU B 279 -5.46 -1.29 16.15
CA LEU B 279 -4.99 -1.19 14.79
C LEU B 279 -6.14 -0.94 13.83
N VAL B 280 -5.98 0.07 12.99
CA VAL B 280 -6.97 0.39 11.95
C VAL B 280 -6.10 0.22 10.70
N ASP B 281 -6.47 -0.71 9.84
CA ASP B 281 -5.66 -0.99 8.66
C ASP B 281 -6.45 -1.23 7.38
N ASN B 282 -5.85 -0.83 6.26
CA ASN B 282 -6.43 -1.02 4.93
C ASN B 282 -7.91 -0.63 4.83
N SER B 283 -8.23 0.55 5.35
CA SER B 283 -9.61 1.03 5.34
C SER B 283 -9.79 2.34 4.60
N ARG B 284 -11.05 2.66 4.32
CA ARG B 284 -11.41 3.87 3.60
C ARG B 284 -12.43 4.68 4.39
N PHE B 285 -12.16 5.97 4.52
CA PHE B 285 -13.06 6.86 5.25
C PHE B 285 -13.52 7.89 4.24
N LEU B 286 -14.70 7.64 3.67
CA LEU B 286 -15.24 8.50 2.62
C LEU B 286 -16.43 9.38 3.00
N GLY B 287 -16.18 10.68 3.06
CA GLY B 287 -17.24 11.62 3.35
C GLY B 287 -17.64 11.98 4.76
N GLN B 288 -17.73 13.28 4.98
CA GLN B 288 -18.16 13.83 6.27
C GLN B 288 -19.11 14.97 5.91
N ALA B 289 -20.36 14.87 6.37
CA ALA B 289 -21.36 15.88 6.09
C ALA B 289 -21.29 17.00 7.13
N LEU B 290 -21.33 18.23 6.64
CA LEU B 290 -21.28 19.39 7.51
C LEU B 290 -22.53 20.23 7.25
N PRO B 291 -23.37 20.44 8.28
CA PRO B 291 -24.59 21.23 8.13
C PRO B 291 -24.36 22.74 8.05
N LYS B 292 -25.20 23.44 7.29
CA LYS B 292 -25.13 24.89 7.12
C LYS B 292 -24.76 25.62 8.40
N THR B 293 -25.66 25.49 9.38
CA THR B 293 -25.53 26.13 10.68
C THR B 293 -24.18 26.07 11.38
N MET B 294 -23.58 27.24 11.58
CA MET B 294 -22.29 27.38 12.25
C MET B 294 -21.18 26.50 11.65
N GLY B 297 -14.68 26.10 14.35
CA GLY B 297 -14.65 25.84 15.77
C GLY B 297 -15.07 24.42 16.10
N GLN B 298 -16.37 24.15 15.99
CA GLN B 298 -16.91 22.82 16.25
C GLN B 298 -16.54 21.89 15.10
N ILE B 299 -16.37 22.49 13.92
CA ILE B 299 -16.02 21.75 12.72
C ILE B 299 -14.64 21.11 12.78
N ILE B 300 -13.63 21.92 13.12
CA ILE B 300 -12.27 21.41 13.19
C ILE B 300 -12.02 20.45 14.35
N SER B 301 -13.02 20.28 15.21
CA SER B 301 -12.87 19.38 16.35
C SER B 301 -13.49 18.01 16.05
N LYS B 302 -13.84 17.78 14.78
CA LYS B 302 -14.45 16.51 14.38
C LYS B 302 -13.53 15.60 13.56
N GLU B 303 -12.53 15.02 14.21
CA GLU B 303 -11.59 14.13 13.53
C GLU B 303 -12.30 12.83 13.18
N SER B 304 -12.00 12.28 12.01
CA SER B 304 -12.62 11.03 11.58
C SER B 304 -12.18 9.89 12.48
N ILE B 305 -10.92 9.93 12.89
CA ILE B 305 -10.38 8.94 13.81
C ILE B 305 -9.77 9.73 14.96
N GLN B 306 -10.47 9.74 16.10
CA GLN B 306 -9.97 10.45 17.26
C GLN B 306 -9.29 9.50 18.23
N ILE B 307 -8.09 9.88 18.67
CA ILE B 307 -7.31 9.07 19.61
C ILE B 307 -7.21 9.98 20.81
N GLU B 308 -7.80 9.55 21.92
CA GLU B 308 -7.86 10.39 23.10
C GLU B 308 -7.80 9.66 24.43
N PRO B 309 -7.57 10.41 25.51
CA PRO B 309 -7.52 9.79 26.84
C PRO B 309 -9.00 9.54 27.19
N LEU B 310 -9.25 8.66 28.15
CA LEU B 310 -10.63 8.33 28.53
C LEU B 310 -11.23 9.23 29.60
N THR B 311 -12.01 10.22 29.17
CA THR B 311 -12.69 11.15 30.08
C THR B 311 -14.14 11.24 29.63
N ARG B 312 -15.02 11.65 30.52
CA ARG B 312 -16.43 11.77 30.18
C ARG B 312 -16.62 12.90 29.16
N LYS B 313 -15.74 13.91 29.23
CA LYS B 313 -15.80 15.04 28.32
C LYS B 313 -15.57 14.57 26.87
N GLY B 314 -14.51 13.80 26.66
CA GLY B 314 -14.22 13.32 25.33
C GLY B 314 -14.93 12.01 24.98
N PHE B 315 -15.36 11.28 26.00
CA PHE B 315 -16.03 9.99 25.80
C PHE B 315 -17.26 9.93 26.70
N PRO B 316 -18.32 10.69 26.34
CA PRO B 316 -19.59 10.76 27.10
C PRO B 316 -20.45 9.51 27.08
N TYR B 317 -19.89 8.40 26.60
CA TYR B 317 -20.63 7.16 26.49
C TYR B 317 -20.53 6.28 27.73
N ALA B 318 -19.64 6.65 28.64
CA ALA B 318 -19.44 5.88 29.86
C ALA B 318 -19.10 6.78 31.02
N LEU B 319 -18.99 6.19 32.20
CA LEU B 319 -18.66 6.95 33.40
C LEU B 319 -17.16 7.06 33.66
N ASN B 320 -16.36 6.22 32.97
CA ASN B 320 -14.90 6.24 33.15
C ASN B 320 -14.41 7.68 33.01
N ASP B 321 -13.66 8.16 34.00
CA ASP B 321 -13.22 9.55 33.95
C ASP B 321 -11.82 9.82 34.52
N ASP B 322 -10.97 8.80 34.66
CA ASP B 322 -9.64 9.07 35.20
C ASP B 322 -8.58 9.50 34.19
N GLY B 323 -8.99 9.72 32.94
CA GLY B 323 -8.05 10.18 31.92
C GLY B 323 -7.06 9.18 31.35
N LYS B 324 -7.37 7.90 31.49
CA LYS B 324 -6.53 6.81 30.98
C LYS B 324 -6.14 7.08 29.53
N LYS B 325 -4.86 6.91 29.22
CA LYS B 325 -4.40 7.15 27.86
C LYS B 325 -4.69 5.99 26.92
N SER B 326 -4.57 6.26 25.63
CA SER B 326 -4.71 5.23 24.64
C SER B 326 -3.23 4.96 24.36
N GLU B 327 -2.89 3.72 24.06
CA GLU B 327 -1.49 3.39 23.85
C GLU B 327 -1.29 2.41 22.71
N ASN B 328 -0.17 2.55 22.02
CA ASN B 328 0.15 1.68 20.89
C ASN B 328 -1.00 1.66 19.91
N VAL B 329 -1.29 2.82 19.30
CA VAL B 329 -2.36 2.91 18.32
C VAL B 329 -1.69 3.11 16.96
N THR B 330 -2.09 2.30 15.99
CA THR B 330 -1.52 2.40 14.64
C THR B 330 -2.62 2.50 13.59
N ILE B 331 -2.57 3.57 12.81
CA ILE B 331 -3.52 3.78 11.74
C ILE B 331 -2.62 3.64 10.53
N GLN B 332 -2.87 2.65 9.69
CA GLN B 332 -2.01 2.44 8.53
C GLN B 332 -2.69 2.01 7.25
N ASN B 333 -1.99 2.25 6.14
CA ASN B 333 -2.45 1.85 4.82
C ASN B 333 -3.90 2.15 4.53
N SER B 334 -4.36 3.31 5.00
CA SER B 334 -5.75 3.68 4.78
C SER B 334 -5.91 4.93 3.94
N TYR B 335 -7.11 5.08 3.38
CA TYR B 335 -7.45 6.20 2.52
C TYR B 335 -8.51 7.08 3.17
N PHE B 336 -8.31 8.39 3.07
CA PHE B 336 -9.26 9.35 3.64
C PHE B 336 -9.64 10.37 2.58
N GLY B 337 -10.94 10.50 2.33
CA GLY B 337 -11.39 11.45 1.32
C GLY B 337 -12.88 11.72 1.39
N LYS B 338 -13.51 11.88 0.24
CA LYS B 338 -14.94 12.17 0.20
C LYS B 338 -15.73 11.02 -0.40
N SER B 339 -17.06 11.15 -0.40
CA SER B 339 -17.93 10.14 -0.99
C SER B 339 -18.79 10.85 -2.05
N ASP B 340 -19.74 10.13 -2.62
CA ASP B 340 -20.62 10.74 -3.61
C ASP B 340 -21.71 11.57 -2.92
N LYS B 341 -21.88 11.35 -1.62
CA LYS B 341 -22.92 12.06 -0.87
C LYS B 341 -22.43 13.19 0.01
N SER B 342 -21.19 13.12 0.49
CA SER B 342 -20.65 14.17 1.35
C SER B 342 -19.20 14.52 1.00
N GLY B 343 -18.80 15.72 1.40
CA GLY B 343 -17.47 16.21 1.11
C GLY B 343 -16.30 15.58 1.84
N GLU B 344 -15.12 16.17 1.61
CA GLU B 344 -13.88 15.69 2.20
C GLU B 344 -13.88 15.84 3.72
N LEU B 345 -13.23 14.88 4.40
CA LEU B 345 -13.15 14.92 5.86
C LEU B 345 -12.45 16.22 6.24
N VAL B 346 -12.76 16.72 7.44
CA VAL B 346 -12.15 17.95 7.92
C VAL B 346 -10.75 17.66 8.47
N THR B 347 -10.69 16.71 9.41
CA THR B 347 -9.42 16.29 10.02
C THR B 347 -9.46 14.77 10.06
N ALA B 348 -8.50 14.13 9.41
CA ALA B 348 -8.51 12.68 9.37
C ALA B 348 -8.22 12.00 10.71
N ILE B 349 -7.14 12.42 11.37
CA ILE B 349 -6.74 11.80 12.64
C ILE B 349 -6.18 12.78 13.66
N GLY B 350 -6.45 12.52 14.93
CA GLY B 350 -5.91 13.35 15.99
C GLY B 350 -6.85 13.55 17.16
N THR B 351 -6.65 14.65 17.87
CA THR B 351 -7.51 15.00 18.98
C THR B 351 -7.34 16.49 19.25
N HIS B 352 -8.17 17.04 20.13
CA HIS B 352 -8.15 18.47 20.41
C HIS B 352 -8.40 18.80 21.88
N TYR B 353 -8.11 17.85 22.77
CA TYR B 353 -8.38 18.09 24.18
C TYR B 353 -7.39 17.43 25.13
N GLN B 354 -7.07 18.14 26.21
CA GLN B 354 -6.17 17.63 27.25
C GLN B 354 -6.27 18.51 28.48
N THR B 355 -5.99 17.93 29.65
CA THR B 355 -6.05 18.66 30.91
C THR B 355 -4.93 18.12 31.79
N LEU B 356 -4.78 18.69 32.99
CA LEU B 356 -3.74 18.22 33.90
C LEU B 356 -4.07 16.82 34.36
N SER B 357 -5.34 16.43 34.21
CA SER B 357 -5.78 15.12 34.65
C SER B 357 -5.90 14.07 33.55
N THR B 358 -5.41 14.38 32.36
CA THR B 358 -5.47 13.39 31.28
C THR B 358 -4.07 12.91 30.95
N GLN B 359 -3.95 11.61 30.68
CA GLN B 359 -2.66 11.02 30.33
C GLN B 359 -2.54 11.02 28.81
N ASN B 360 -1.50 11.66 28.29
CA ASN B 360 -1.27 11.75 26.86
C ASN B 360 -1.21 10.41 26.13
N PRO B 361 -1.98 10.25 25.04
CA PRO B 361 -1.91 8.98 24.32
C PRO B 361 -0.46 8.85 23.83
N SER B 362 0.09 7.64 23.85
CA SER B 362 1.47 7.45 23.44
C SER B 362 1.74 6.31 22.48
N ASN B 363 2.85 6.41 21.76
CA ASN B 363 3.25 5.43 20.77
C ASN B 363 2.14 5.33 19.75
N ILE B 364 1.87 6.46 19.10
CA ILE B 364 0.85 6.57 18.08
C ILE B 364 1.56 6.53 16.73
N LYS B 365 1.21 5.57 15.89
CA LYS B 365 1.83 5.47 14.57
C LYS B 365 0.81 5.67 13.46
N ILE B 366 1.13 6.61 12.57
CA ILE B 366 0.28 6.93 11.44
C ILE B 366 1.18 6.68 10.24
N LEU B 367 0.99 5.51 9.63
CA LEU B 367 1.83 5.04 8.54
C LEU B 367 1.20 4.75 7.19
N ASN B 368 1.89 5.19 6.15
CA ASN B 368 1.49 4.94 4.78
C ASN B 368 0.02 5.12 4.44
N ASN B 369 -0.57 6.23 4.90
CA ASN B 369 -1.97 6.51 4.60
C ASN B 369 -2.00 7.54 3.48
N HIS B 370 -3.18 7.69 2.86
CA HIS B 370 -3.36 8.67 1.81
C HIS B 370 -4.45 9.61 2.32
N PHE B 371 -4.04 10.84 2.64
CA PHE B 371 -4.96 11.87 3.12
C PHE B 371 -5.31 12.71 1.90
N ASP B 372 -6.39 12.33 1.23
CA ASP B 372 -6.81 12.98 0.00
C ASP B 372 -7.68 14.23 0.11
N ASN B 373 -7.03 15.38 0.11
CA ASN B 373 -7.70 16.68 0.16
C ASN B 373 -8.52 16.99 1.41
N MET B 374 -7.94 16.80 2.60
CA MET B 374 -8.69 17.12 3.82
C MET B 374 -8.92 18.63 3.86
N MET B 375 -10.05 19.03 4.40
CA MET B 375 -10.41 20.44 4.50
C MET B 375 -9.51 21.19 5.47
N TYR B 376 -9.09 20.53 6.55
CA TYR B 376 -8.25 21.20 7.53
C TYR B 376 -6.89 20.55 7.82
N ALA B 377 -6.87 19.24 8.00
CA ALA B 377 -5.62 18.57 8.29
C ALA B 377 -5.71 17.06 8.16
N GLY B 378 -4.58 16.43 7.83
CA GLY B 378 -4.57 15.00 7.74
C GLY B 378 -4.41 14.53 9.18
N VAL B 379 -3.50 15.18 9.89
CA VAL B 379 -3.21 14.83 11.28
C VAL B 379 -3.06 16.10 12.10
N ARG B 380 -3.87 16.23 13.16
CA ARG B 380 -3.82 17.39 14.03
C ARG B 380 -4.09 16.92 15.45
N PHE B 381 -3.18 17.25 16.37
CA PHE B 381 -3.33 16.81 17.74
C PHE B 381 -2.58 17.66 18.74
N THR B 382 -3.04 17.57 19.99
CA THR B 382 -2.40 18.24 21.10
C THR B 382 -2.44 17.18 22.20
N GLY B 383 -1.36 17.04 22.96
CA GLY B 383 -1.35 16.07 24.03
C GLY B 383 -0.96 14.64 23.65
N PHE B 384 -0.05 14.51 22.71
CA PHE B 384 0.44 13.19 22.29
C PHE B 384 1.91 13.12 22.71
N THR B 385 2.39 11.91 22.98
CA THR B 385 3.77 11.69 23.35
C THR B 385 4.27 10.46 22.57
N ASP B 386 5.39 10.62 21.86
CA ASP B 386 5.95 9.55 21.04
C ASP B 386 5.00 9.25 19.89
N VAL B 387 5.06 10.12 18.88
CA VAL B 387 4.23 10.00 17.70
C VAL B 387 5.10 9.82 16.47
N LEU B 388 4.66 8.92 15.58
CA LEU B 388 5.38 8.67 14.34
C LEU B 388 4.41 8.83 13.17
N ILE B 389 4.63 9.88 12.38
CA ILE B 389 3.82 10.19 11.20
C ILE B 389 4.80 9.94 10.06
N LYS B 390 4.64 8.80 9.38
CA LYS B 390 5.60 8.43 8.35
C LYS B 390 5.06 7.74 7.11
N GLY B 391 5.68 8.06 5.97
CA GLY B 391 5.29 7.45 4.71
C GLY B 391 3.92 7.79 4.18
N ASN B 392 3.28 8.82 4.75
CA ASN B 392 1.95 9.21 4.31
C ASN B 392 1.98 10.14 3.10
N ARG B 393 0.87 10.16 2.38
CA ARG B 393 0.74 11.03 1.23
C ARG B 393 -0.38 12.04 1.53
N PHE B 394 -0.04 13.33 1.51
CA PHE B 394 -1.03 14.36 1.77
C PHE B 394 -1.27 15.16 0.50
N ASP B 395 -2.50 15.16 0.02
CA ASP B 395 -2.86 15.90 -1.18
C ASP B 395 -3.82 17.02 -0.83
N LYS B 396 -3.66 18.16 -1.49
CA LYS B 396 -4.53 19.31 -1.25
C LYS B 396 -4.74 20.01 -2.58
N LYS B 397 -5.97 19.96 -3.08
CA LYS B 397 -6.33 20.57 -4.34
C LYS B 397 -6.71 22.04 -4.11
N VAL B 398 -6.95 22.78 -5.19
CA VAL B 398 -7.34 24.18 -5.02
C VAL B 398 -8.85 24.24 -4.75
N LYS B 399 -9.29 25.35 -4.18
CA LYS B 399 -10.70 25.56 -3.84
C LYS B 399 -11.65 25.04 -4.90
N GLY B 400 -11.38 25.37 -6.16
CA GLY B 400 -12.22 24.96 -7.26
C GLY B 400 -12.59 23.49 -7.40
N GLU B 401 -11.66 22.60 -7.06
CA GLU B 401 -11.93 21.16 -7.17
C GLU B 401 -12.21 20.52 -5.81
N SER B 402 -12.66 21.32 -4.85
CA SER B 402 -12.96 20.81 -3.52
C SER B 402 -14.41 21.05 -3.12
N VAL B 403 -15.05 20.04 -2.55
CA VAL B 403 -16.43 20.19 -2.09
C VAL B 403 -16.36 21.02 -0.82
N HIS B 404 -15.40 20.66 0.04
CA HIS B 404 -15.18 21.37 1.29
C HIS B 404 -13.91 22.18 1.14
N TYR B 405 -13.92 23.39 1.68
CA TYR B 405 -12.75 24.26 1.62
C TYR B 405 -12.81 25.24 2.77
N ARG B 406 -11.70 25.38 3.47
CA ARG B 406 -11.62 26.28 4.61
C ARG B 406 -10.95 27.60 4.21
N GLU B 407 -11.75 28.65 4.14
CA GLU B 407 -11.26 29.97 3.77
C GLU B 407 -10.08 30.43 4.61
N SER B 408 -10.10 30.08 5.89
CA SER B 408 -9.03 30.49 6.80
C SER B 408 -7.74 29.67 6.70
N GLY B 409 -7.71 28.69 5.80
CA GLY B 409 -6.50 27.89 5.62
C GLY B 409 -6.47 26.49 6.20
N ALA B 410 -5.38 25.78 5.93
CA ALA B 410 -5.18 24.42 6.41
C ALA B 410 -3.72 24.13 6.71
N ALA B 411 -3.47 23.05 7.45
CA ALA B 411 -2.12 22.60 7.81
C ALA B 411 -2.24 21.08 7.83
N LEU B 412 -1.69 20.44 6.81
CA LEU B 412 -1.81 18.99 6.64
C LEU B 412 -1.37 18.19 7.87
N VAL B 413 -0.26 18.58 8.49
CA VAL B 413 0.19 17.94 9.72
C VAL B 413 0.24 19.14 10.66
N ASN B 414 -0.48 19.06 11.75
CA ASN B 414 -0.52 20.19 12.67
C ASN B 414 -0.47 19.77 14.14
N ALA B 415 0.75 19.74 14.68
CA ALA B 415 0.95 19.39 16.08
C ALA B 415 0.89 20.72 16.82
N TYR B 416 -0.24 20.98 17.47
CA TYR B 416 -0.40 22.24 18.18
C TYR B 416 -0.54 22.09 19.69
N SER B 417 -0.77 23.21 20.37
CA SER B 417 -0.90 23.22 21.82
C SER B 417 -2.31 23.66 22.24
N TYR B 418 -2.91 22.90 23.14
CA TYR B 418 -4.25 23.19 23.63
C TYR B 418 -4.27 24.59 24.25
N LYS B 419 -5.33 25.34 23.98
CA LYS B 419 -5.45 26.69 24.50
C LYS B 419 -5.73 26.67 26.00
N ASN B 420 -4.70 26.99 26.77
CA ASN B 420 -4.78 27.01 28.23
C ASN B 420 -3.62 27.88 28.74
N THR B 421 -3.95 28.99 29.38
CA THR B 421 -2.93 29.90 29.89
C THR B 421 -2.76 29.79 31.40
N LYS B 422 -3.54 28.91 32.01
CA LYS B 422 -3.49 28.72 33.45
C LYS B 422 -2.64 27.53 33.90
N ASP B 423 -2.76 26.40 33.20
CA ASP B 423 -2.03 25.21 33.58
C ASP B 423 -0.77 24.91 32.78
N LEU B 424 0.17 24.21 33.41
CA LEU B 424 1.42 23.82 32.76
C LEU B 424 1.15 22.42 32.21
N LEU B 425 0.58 22.36 31.01
CA LEU B 425 0.21 21.10 30.39
C LEU B 425 1.38 20.31 29.78
N ASP B 426 1.13 19.02 29.60
CA ASP B 426 2.12 18.11 29.01
C ASP B 426 1.86 18.18 27.51
N LEU B 427 2.41 19.23 26.87
CA LEU B 427 2.22 19.43 25.45
C LEU B 427 3.01 18.39 24.64
N ASN B 428 2.72 18.31 23.34
CA ASN B 428 3.38 17.35 22.46
C ASN B 428 4.88 17.24 22.63
N LYS B 429 5.37 16.01 22.73
CA LYS B 429 6.80 15.74 22.86
C LYS B 429 7.10 14.44 22.12
N GLN B 430 8.31 14.36 21.58
CA GLN B 430 8.76 13.18 20.84
C GLN B 430 7.84 12.91 19.66
N VAL B 431 7.87 13.82 18.70
CA VAL B 431 7.06 13.73 17.51
C VAL B 431 7.99 13.63 16.32
N VAL B 432 7.81 12.58 15.52
CA VAL B 432 8.62 12.38 14.32
C VAL B 432 7.71 12.46 13.11
N ILE B 433 8.05 13.38 12.20
CA ILE B 433 7.29 13.57 10.97
C ILE B 433 8.32 13.29 9.88
N ALA B 434 8.32 12.05 9.37
CA ALA B 434 9.30 11.66 8.39
C ALA B 434 8.82 10.94 7.14
N GLU B 435 9.54 11.17 6.06
CA GLU B 435 9.28 10.54 4.78
C GLU B 435 7.85 10.61 4.24
N ASN B 436 7.19 11.75 4.44
CA ASN B 436 5.84 11.93 3.93
C ASN B 436 5.94 12.75 2.65
N ILE B 437 4.94 12.62 1.79
CA ILE B 437 4.91 13.40 0.55
C ILE B 437 3.70 14.31 0.60
N PHE B 438 3.92 15.60 0.32
CA PHE B 438 2.84 16.57 0.32
C PHE B 438 2.69 17.16 -1.07
N ASN B 439 1.48 17.10 -1.63
CA ASN B 439 1.18 17.66 -2.93
C ASN B 439 0.14 18.75 -2.70
N ILE B 440 0.61 19.99 -2.68
CA ILE B 440 -0.25 21.13 -2.40
C ILE B 440 -0.49 22.10 -3.56
N ALA B 441 -1.76 22.32 -3.88
CA ALA B 441 -2.14 23.24 -4.95
C ALA B 441 -2.90 24.44 -4.39
N ASP B 442 -3.22 24.37 -3.09
CA ASP B 442 -3.94 25.44 -2.41
C ASP B 442 -2.93 26.40 -1.78
N PRO B 443 -3.01 27.69 -2.14
CA PRO B 443 -2.11 28.72 -1.60
C PRO B 443 -2.26 29.05 -0.12
N LYS B 444 -3.35 28.60 0.51
CA LYS B 444 -3.58 28.88 1.93
C LYS B 444 -3.31 27.67 2.81
N THR B 445 -2.56 26.70 2.31
CA THR B 445 -2.27 25.49 3.05
C THR B 445 -0.79 25.28 3.40
N LYS B 446 -0.53 25.02 4.68
CA LYS B 446 0.83 24.74 5.15
C LYS B 446 0.95 23.22 5.10
N ALA B 447 2.14 22.72 4.81
CA ALA B 447 2.33 21.28 4.78
C ALA B 447 2.47 20.76 6.21
N ILE B 448 3.47 21.30 6.92
CA ILE B 448 3.75 20.87 8.28
C ILE B 448 3.82 22.02 9.28
N ARG B 449 3.18 21.81 10.43
CA ARG B 449 3.17 22.80 11.49
C ARG B 449 3.31 22.15 12.86
N VAL B 450 4.22 22.68 13.66
CA VAL B 450 4.43 22.20 15.02
C VAL B 450 4.51 23.45 15.85
N ALA B 451 3.65 23.58 16.85
CA ALA B 451 3.70 24.81 17.62
C ALA B 451 3.11 24.82 19.02
N LYS B 452 3.51 25.87 19.74
CA LYS B 452 2.98 26.20 21.06
C LYS B 452 2.46 27.55 20.63
N ASP B 453 1.26 27.51 20.06
CA ASP B 453 0.56 28.66 19.50
C ASP B 453 0.66 30.01 20.20
N SER B 454 0.81 29.99 21.52
CA SER B 454 0.92 31.24 22.27
C SER B 454 2.06 31.22 23.27
N ALA B 455 2.74 32.36 23.42
CA ALA B 455 3.84 32.46 24.37
C ALA B 455 3.29 32.38 25.79
N GLU B 456 1.98 32.54 25.92
CA GLU B 456 1.32 32.50 27.21
C GLU B 456 1.15 31.08 27.76
N TYR B 457 1.27 30.08 26.90
CA TYR B 457 1.13 28.70 27.36
C TYR B 457 2.36 28.32 28.16
N LEU B 458 2.13 27.81 29.37
CA LEU B 458 3.20 27.43 30.29
C LEU B 458 3.88 26.08 30.01
N GLY B 459 3.21 25.21 29.26
CA GLY B 459 3.79 23.92 28.95
C GLY B 459 4.95 24.01 27.98
N LYS B 460 5.52 22.86 27.63
CA LYS B 460 6.66 22.83 26.70
C LYS B 460 6.53 21.80 25.59
N VAL B 461 6.90 22.19 24.38
CA VAL B 461 6.89 21.32 23.22
C VAL B 461 8.35 21.03 22.88
N SER B 462 8.73 19.77 22.81
CA SER B 462 10.12 19.44 22.52
C SER B 462 10.30 18.09 21.86
N ASP B 463 11.53 17.82 21.46
CA ASP B 463 11.90 16.56 20.80
C ASP B 463 11.03 16.40 19.56
N ILE B 464 11.21 17.33 18.64
CA ILE B 464 10.47 17.36 17.39
C ILE B 464 11.44 17.08 16.24
N THR B 465 11.08 16.11 15.40
CA THR B 465 11.90 15.72 14.27
C THR B 465 11.14 15.74 12.95
N VAL B 466 11.62 16.54 11.99
CA VAL B 466 11.01 16.66 10.67
C VAL B 466 12.07 16.30 9.64
N THR B 467 12.04 15.06 9.16
CA THR B 467 13.07 14.61 8.21
C THR B 467 12.61 13.86 6.96
N LYS B 468 13.40 14.01 5.91
CA LYS B 468 13.19 13.36 4.62
C LYS B 468 11.80 13.46 4.03
N ASN B 469 11.10 14.56 4.32
CA ASN B 469 9.77 14.78 3.78
C ASN B 469 9.95 15.49 2.43
N VAL B 470 9.03 15.24 1.51
CA VAL B 470 9.07 15.88 0.21
C VAL B 470 7.80 16.71 0.06
N ILE B 471 7.96 18.01 -0.15
CA ILE B 471 6.82 18.90 -0.33
C ILE B 471 6.77 19.48 -1.74
N ASN B 472 5.70 19.17 -2.46
CA ASN B 472 5.51 19.68 -3.81
C ASN B 472 4.38 20.69 -3.76
N ASN B 473 4.75 21.97 -3.61
CA ASN B 473 3.77 23.03 -3.55
C ASN B 473 3.75 23.81 -4.86
N ASN B 474 2.77 23.51 -5.71
CA ASN B 474 2.66 24.17 -7.00
C ASN B 474 1.51 25.17 -6.98
N SER B 475 1.15 25.64 -5.79
CA SER B 475 0.04 26.58 -5.66
C SER B 475 0.42 27.96 -6.20
N LYS B 476 -0.55 28.61 -6.84
CA LYS B 476 -0.36 29.94 -7.38
C LYS B 476 -0.58 30.95 -6.26
N GLU B 477 0.30 31.95 -6.18
CA GLU B 477 0.17 32.99 -5.17
C GLU B 477 0.22 32.44 -3.74
N THR B 478 1.20 31.58 -3.48
CA THR B 478 1.36 30.97 -2.16
C THR B 478 1.45 32.02 -1.05
N GLU B 479 0.67 31.82 0.02
CA GLU B 479 0.65 32.75 1.14
C GLU B 479 1.27 32.20 2.42
N GLN B 480 1.28 30.88 2.56
CA GLN B 480 1.80 30.25 3.76
C GLN B 480 3.11 29.51 3.58
N PRO B 481 3.95 29.49 4.63
CA PRO B 481 5.23 28.78 4.54
C PRO B 481 4.93 27.29 4.47
N ASN B 482 5.86 26.51 3.93
CA ASN B 482 5.65 25.07 3.82
C ASN B 482 5.82 24.35 5.14
N ILE B 483 6.81 24.76 5.92
CA ILE B 483 7.07 24.15 7.21
C ILE B 483 7.22 25.22 8.28
N GLU B 484 6.39 25.13 9.31
CA GLU B 484 6.44 26.08 10.40
C GLU B 484 6.69 25.40 11.73
N LEU B 485 7.67 25.91 12.46
CA LEU B 485 8.02 25.40 13.77
C LEU B 485 7.96 26.61 14.68
N LEU B 486 6.94 26.63 15.54
CA LEU B 486 6.74 27.77 16.43
C LEU B 486 6.90 27.45 17.91
N ARG B 487 7.86 28.13 18.53
CA ARG B 487 8.15 27.98 19.96
C ARG B 487 8.48 26.59 20.48
N VAL B 488 9.29 25.83 19.74
CA VAL B 488 9.70 24.52 20.20
C VAL B 488 10.75 24.81 21.27
N SER B 489 10.64 24.17 22.43
CA SER B 489 11.55 24.40 23.55
C SER B 489 12.90 23.71 23.56
N ASP B 490 13.02 22.58 22.89
CA ASP B 490 14.29 21.87 22.89
C ASP B 490 14.30 20.73 21.89
N ASN B 491 15.50 20.31 21.51
CA ASN B 491 15.68 19.22 20.56
C ASN B 491 14.79 19.26 19.32
N LEU B 492 15.07 20.23 18.46
CA LEU B 492 14.34 20.38 17.22
C LEU B 492 15.25 19.97 16.07
N VAL B 493 14.79 19.07 15.22
CA VAL B 493 15.58 18.61 14.08
C VAL B 493 14.76 18.70 12.80
N VAL B 494 15.29 19.45 11.83
CA VAL B 494 14.63 19.62 10.54
C VAL B 494 15.73 19.38 9.51
N SER B 495 15.81 18.15 9.01
CA SER B 495 16.85 17.83 8.06
C SER B 495 16.43 17.00 6.87
N GLU B 496 17.20 17.16 5.79
CA GLU B 496 17.01 16.43 4.54
C GLU B 496 15.61 16.43 3.96
N ASN B 497 14.91 17.54 4.11
CA ASN B 497 13.58 17.68 3.55
C ASN B 497 13.78 18.35 2.20
N SER B 498 12.95 17.97 1.23
CA SER B 498 13.03 18.56 -0.10
C SER B 498 11.74 19.34 -0.33
N ILE B 499 11.88 20.62 -0.66
CA ILE B 499 10.74 21.49 -0.89
C ILE B 499 10.75 22.06 -2.32
N PHE B 500 9.73 21.70 -3.10
CA PHE B 500 9.63 22.16 -4.46
C PHE B 500 8.46 23.15 -4.63
N GLY B 501 8.79 24.42 -4.81
CA GLY B 501 7.76 25.43 -5.01
C GLY B 501 7.21 26.06 -3.75
N GLY B 502 6.43 27.13 -3.94
CA GLY B 502 5.85 27.84 -2.81
C GLY B 502 6.54 29.17 -2.58
N LYS B 503 6.36 29.70 -1.37
CA LYS B 503 6.97 30.98 -1.00
C LYS B 503 8.12 30.72 -0.02
N GLU B 504 7.80 30.57 1.26
CA GLU B 504 8.82 30.32 2.26
C GLU B 504 8.98 28.81 2.42
N GLY B 505 10.21 28.37 2.66
CA GLY B 505 10.46 26.95 2.84
C GLY B 505 10.26 26.53 4.28
N ILE B 506 11.23 26.86 5.11
CA ILE B 506 11.17 26.52 6.52
C ILE B 506 11.20 27.75 7.40
N VAL B 507 10.25 27.82 8.35
CA VAL B 507 10.19 28.93 9.29
C VAL B 507 10.26 28.38 10.71
N ILE B 508 11.28 28.81 11.44
CA ILE B 508 11.49 28.41 12.82
C ILE B 508 11.41 29.73 13.59
N GLU B 509 10.35 29.88 14.38
CA GLU B 509 10.10 31.11 15.11
C GLU B 509 10.07 30.98 16.63
N ASP B 510 10.76 31.89 17.31
CA ASP B 510 10.82 31.91 18.76
C ASP B 510 11.08 30.55 19.39
N SER B 511 11.93 29.75 18.76
CA SER B 511 12.25 28.44 19.30
C SER B 511 13.47 28.54 20.19
N LYS B 512 13.62 27.60 21.12
CA LYS B 512 14.75 27.61 22.05
C LYS B 512 15.42 26.24 22.13
N GLY B 513 16.43 26.16 22.99
CA GLY B 513 17.13 24.90 23.16
C GLY B 513 17.88 24.47 21.93
N LYS B 514 18.24 23.19 21.90
CA LYS B 514 18.98 22.62 20.78
C LYS B 514 18.17 22.63 19.48
N ILE B 515 18.78 23.18 18.44
CA ILE B 515 18.16 23.28 17.13
C ILE B 515 19.14 22.81 16.06
N THR B 516 18.67 21.92 15.19
CA THR B 516 19.52 21.38 14.13
C THR B 516 18.77 21.39 12.81
N VAL B 517 19.31 22.10 11.84
CA VAL B 517 18.72 22.19 10.51
C VAL B 517 19.82 21.80 9.54
N LEU B 518 19.76 20.55 9.05
CA LEU B 518 20.79 20.06 8.17
C LEU B 518 20.39 19.53 6.81
N ASN B 519 21.08 20.03 5.80
CA ASN B 519 20.92 19.61 4.41
C ASN B 519 19.54 19.41 3.83
N ASN B 520 18.73 20.47 3.90
CA ASN B 520 17.42 20.45 3.32
C ASN B 520 17.64 20.94 1.89
N GLN B 521 16.68 20.70 0.99
CA GLN B 521 16.81 21.14 -0.39
C GLN B 521 15.61 22.00 -0.76
N PHE B 522 15.87 23.04 -1.54
CA PHE B 522 14.84 23.97 -1.97
C PHE B 522 14.90 24.20 -3.48
N TYR B 523 13.73 24.30 -4.09
CA TYR B 523 13.65 24.52 -5.53
C TYR B 523 12.46 25.38 -5.87
N ASN B 524 12.68 26.34 -6.77
CA ASN B 524 11.63 27.23 -7.24
C ASN B 524 10.76 27.89 -6.16
N LEU B 525 11.39 28.45 -5.14
CA LEU B 525 10.68 29.14 -4.07
C LEU B 525 10.75 30.64 -4.34
N SER B 526 9.63 31.33 -4.19
CA SER B 526 9.57 32.76 -4.44
C SER B 526 9.92 33.56 -3.17
N GLY B 527 10.08 32.86 -2.06
CA GLY B 527 10.39 33.53 -0.81
C GLY B 527 11.66 33.02 -0.17
N LYS B 528 11.84 33.36 1.09
CA LYS B 528 13.02 32.95 1.84
C LYS B 528 13.00 31.44 2.12
N TYR B 529 14.12 30.78 1.84
CA TYR B 529 14.27 29.34 2.03
C TYR B 529 14.12 28.95 3.50
N ILE B 530 14.90 29.61 4.34
CA ILE B 530 14.90 29.35 5.77
C ILE B 530 14.78 30.64 6.57
N SER B 531 13.74 30.73 7.39
CA SER B 531 13.54 31.90 8.23
C SER B 531 13.71 31.49 9.67
N PHE B 532 14.85 31.85 10.25
CA PHE B 532 15.16 31.54 11.64
C PHE B 532 14.98 32.87 12.34
N ILE B 533 13.77 33.08 12.87
CA ILE B 533 13.43 34.34 13.51
C ILE B 533 13.01 34.31 14.97
N LYS B 534 13.05 35.48 15.58
CA LYS B 534 12.65 35.70 16.96
C LYS B 534 11.92 37.02 16.93
N SER B 535 10.93 37.19 17.81
CA SER B 535 10.16 38.43 17.85
C SER B 535 10.80 39.48 18.76
N GLY B 539 8.60 43.54 16.54
CA GLY B 539 8.25 42.79 15.35
C GLY B 539 9.01 41.48 15.25
N LYS B 540 9.49 41.17 14.04
CA LYS B 540 10.24 39.94 13.80
C LYS B 540 11.64 40.28 13.28
N GLU B 541 12.63 39.49 13.68
CA GLU B 541 14.01 39.69 13.25
C GLU B 541 14.77 38.38 13.30
N PRO B 542 15.77 38.22 12.41
CA PRO B 542 16.58 37.00 12.38
C PRO B 542 17.29 36.76 13.71
N VAL B 543 17.44 35.49 14.08
CA VAL B 543 18.12 35.13 15.32
C VAL B 543 19.61 35.35 15.08
N ILE B 544 20.00 35.23 13.81
CA ILE B 544 21.37 35.40 13.35
C ILE B 544 21.14 36.28 12.12
N ARG B 545 21.81 37.42 12.06
CA ARG B 545 21.59 38.35 10.96
C ARG B 545 21.77 37.90 9.53
N ASP B 546 20.77 38.27 8.73
CA ASP B 546 20.64 38.00 7.30
C ASP B 546 21.39 36.85 6.66
N SER B 547 20.63 35.89 6.11
CA SER B 547 21.23 34.73 5.43
C SER B 547 20.26 34.22 4.35
N GLY B 549 19.13 32.06 0.90
CA GLY B 549 19.71 30.86 0.33
C GLY B 549 19.66 29.65 1.26
N ASN B 550 20.29 28.56 0.83
CA ASN B 550 20.32 27.32 1.59
C ASN B 550 21.52 27.28 2.52
N PHE B 551 21.30 26.82 3.74
CA PHE B 551 22.38 26.70 4.73
C PHE B 551 21.95 25.77 5.86
N ASN B 552 22.86 25.51 6.79
CA ASN B 552 22.54 24.65 7.92
C ASN B 552 22.63 25.45 9.21
N ILE B 553 21.95 24.95 10.23
CA ILE B 553 21.96 25.59 11.54
C ILE B 553 22.34 24.53 12.55
N VAL B 554 23.33 24.85 13.38
CA VAL B 554 23.75 23.92 14.43
C VAL B 554 23.78 24.68 15.73
N THR B 555 23.68 23.96 16.84
CA THR B 555 23.72 24.59 18.15
C THR B 555 25.03 24.21 18.80
N GLU B 556 25.77 25.23 19.23
CA GLU B 556 27.07 25.02 19.86
C GLU B 556 27.15 25.90 21.10
N ASN B 557 27.46 25.28 22.24
CA ASN B 557 27.55 26.03 23.49
C ASN B 557 26.21 26.73 23.76
N GLY B 558 25.13 26.09 23.34
CA GLY B 558 23.81 26.66 23.55
C GLY B 558 23.47 27.77 22.56
N LEU B 559 24.44 28.17 21.75
CA LEU B 559 24.24 29.22 20.76
C LEU B 559 24.09 28.67 19.36
N TYR B 560 23.41 29.43 18.51
CA TYR B 560 23.16 29.03 17.13
C TYR B 560 24.12 29.68 16.14
N LYS B 561 24.44 28.95 15.08
CA LYS B 561 25.35 29.45 14.05
C LYS B 561 25.03 28.86 12.69
N ILE B 562 25.12 29.69 11.66
CA ILE B 562 24.86 29.24 10.30
C ILE B 562 26.11 28.59 9.74
N VAL B 563 25.90 27.52 8.97
CA VAL B 563 27.02 26.82 8.36
C VAL B 563 26.65 26.59 6.89
N THR B 564 27.63 26.77 6.01
CA THR B 564 27.44 26.57 4.58
C THR B 564 27.22 25.11 4.20
N ASN B 565 26.44 24.90 3.15
CA ASN B 565 26.20 23.54 2.65
C ASN B 565 26.20 23.53 1.12
#